data_4O3U
#
_entry.id   4O3U
#
_cell.length_a   136.105
_cell.length_b   139.620
_cell.length_c   66.144
_cell.angle_alpha   90.00
_cell.angle_beta   90.00
_cell.angle_gamma   90.00
#
_symmetry.space_group_name_H-M   'P 21 21 2'
#
loop_
_entity.id
_entity.type
_entity.pdbx_description
1 polymer 'Hepatocyte growth factor'
2 polymer 'Hepatocyte growth factor receptor'
3 polymer 'ZAP 2.3'
#
loop_
_entity_poly.entity_id
_entity_poly.type
_entity_poly.pdbx_seq_one_letter_code
_entity_poly.pdbx_strand_id
1 'polypeptide(L)'
;GVNGIPTRTNIGWMVSLRYRNKHICGGSLIKESWVLTARQCFPSRDLKDYEAWLGIHDVHGRGDEKCKQVLNVSQLVYGP
EGSDLVLMKLARPAVLDDFVSTIDLPNYGSTIPEKTSCSVYGWGYTGLINYDGLLRVAHLYIMGNEKCSQHHRGKVTLNE
SEICAGAEKIGSGPCEGDYGGPLVCEQHKMRMVLGVIVPGRGCAIPNRPGIFVRVAYYAKWIHKIILTYKVPQSHHHHHH
;
A
2 'polypeptide(L)'
;ECKEALAKSEMNVNMKYQLPNFTAETPIQNVILHEHHIFLGATNYIYVLNEEDLQKVAEYKTGPVLEHPDCFPCQDCSSK
ANLSGGVWKDNINMALVVDTYYDDQLISCGSVNRGTCQRHVFPHNHTADIQSEVHCIFSPQIEEPSQCPDCVVSALGAKV
LSSVKDRFINFFVGNTINSSYFPDHPLHSISVRRLKETKDGFMFLTDQSYIDVLPEFRDSYPIKYVHAFESNNFIYFLTV
QRETLDAQTFHTRIIRFCSINSGLHSYMEMPLECILTEKRKKRSTKKEVFNILQAAYVSKPGAQLARQIGASLNDDILFG
VFAQSKPDSAEPMDRSAMCAFPIKYVNDFFNKIVNKNNVRCLQHFYGPNHEHCFNRTLLRNSSGCEARRDEYRTEFTTAL
QRVDLFMGQFSEVLLTSISTFIKGDLTIANLGTSEGRFMQVVVSRSGPSTPHVNFLLDSHPVSPEVIVEHTLNQNGYTLV
ITGKKITKIPLNGLGCRHFQSCSQCLSAPPFVQCGWCHDKCVRSEECLSGTWTQQICLPAIYKHHHHHHHH
;
B
3 'polypeptide(L)' IIGGCPYWMDREECI P
#
# COMPACT_ATOMS: atom_id res chain seq x y z
N ASN A 10 -38.97 -13.40 -11.93
CA ASN A 10 -38.80 -12.29 -12.88
C ASN A 10 -37.77 -11.31 -12.36
N ILE A 11 -36.73 -11.08 -13.17
CA ILE A 11 -35.55 -10.26 -12.88
C ILE A 11 -35.56 -8.83 -13.50
N GLY A 12 -36.70 -8.15 -13.43
CA GLY A 12 -36.88 -6.81 -14.00
C GLY A 12 -36.02 -5.72 -13.39
N TRP A 13 -35.67 -5.87 -12.10
CA TRP A 13 -34.89 -4.93 -11.29
C TRP A 13 -33.40 -4.95 -11.56
N MET A 14 -32.88 -5.94 -12.31
CA MET A 14 -31.46 -5.99 -12.65
C MET A 14 -31.09 -4.81 -13.54
N VAL A 15 -30.01 -4.13 -13.19
CA VAL A 15 -29.50 -2.99 -13.93
C VAL A 15 -28.04 -3.27 -14.21
N SER A 16 -27.57 -2.90 -15.40
CA SER A 16 -26.18 -3.06 -15.79
C SER A 16 -25.63 -1.66 -15.89
N LEU A 17 -24.61 -1.34 -15.09
CA LEU A 17 -24.01 -0.03 -15.17
C LEU A 17 -22.87 -0.11 -16.17
N ARG A 18 -22.91 0.82 -17.15
CA ARG A 18 -21.96 0.87 -18.25
C ARG A 18 -21.15 2.09 -18.02
N TYR A 19 -19.83 1.94 -18.00
CA TYR A 19 -18.87 3.02 -17.84
C TYR A 19 -17.99 2.89 -19.04
N ARG A 20 -18.04 3.93 -19.92
CA ARG A 20 -17.30 3.98 -21.17
C ARG A 20 -17.66 2.77 -22.04
N ASN A 21 -18.97 2.67 -22.40
CA ASN A 21 -19.57 1.64 -23.24
C ASN A 21 -19.23 0.17 -22.90
N LYS A 22 -18.67 -0.05 -21.72
CA LYS A 22 -18.31 -1.37 -21.21
C LYS A 22 -18.98 -1.55 -19.82
N HIS A 23 -19.55 -2.74 -19.56
CA HIS A 23 -20.24 -3.07 -18.28
C HIS A 23 -19.25 -3.04 -17.14
N ILE A 24 -19.58 -2.27 -16.12
CA ILE A 24 -18.72 -2.14 -14.94
C ILE A 24 -19.30 -2.74 -13.65
N CYS A 25 -20.64 -2.72 -13.50
CA CYS A 25 -21.32 -3.10 -12.27
C CYS A 25 -22.77 -3.47 -12.47
N GLY A 26 -23.33 -4.12 -11.47
CA GLY A 26 -24.74 -4.41 -11.42
C GLY A 26 -25.37 -3.34 -10.57
N GLY A 27 -26.69 -3.28 -10.55
CA GLY A 27 -27.47 -2.31 -9.78
C GLY A 27 -28.91 -2.79 -9.64
N SER A 28 -29.73 -2.06 -8.93
CA SER A 28 -31.09 -2.53 -8.74
C SER A 28 -32.04 -1.37 -8.74
N LEU A 29 -33.08 -1.50 -9.58
CA LEU A 29 -34.09 -0.48 -9.76
C LEU A 29 -35.05 -0.59 -8.57
N ILE A 30 -35.01 0.39 -7.67
CA ILE A 30 -35.82 0.39 -6.44
C ILE A 30 -37.08 1.26 -6.58
N LYS A 31 -37.05 2.18 -7.57
CA LYS A 31 -38.08 3.15 -7.97
C LYS A 31 -37.75 3.56 -9.41
N GLU A 32 -38.77 3.98 -10.20
CA GLU A 32 -38.67 4.36 -11.62
C GLU A 32 -37.43 5.10 -12.05
N SER A 33 -37.02 6.12 -11.29
CA SER A 33 -35.87 6.95 -11.66
C SER A 33 -34.63 6.72 -10.77
N TRP A 34 -34.68 5.71 -9.85
CA TRP A 34 -33.59 5.42 -8.91
C TRP A 34 -32.99 4.02 -8.97
N VAL A 35 -31.66 3.96 -8.96
CA VAL A 35 -30.92 2.70 -9.01
C VAL A 35 -30.01 2.60 -7.77
N LEU A 36 -30.10 1.50 -7.02
CA LEU A 36 -29.22 1.36 -5.86
C LEU A 36 -28.04 0.50 -6.21
N THR A 37 -26.83 1.06 -6.07
CA THR A 37 -25.57 0.41 -6.42
C THR A 37 -24.44 0.72 -5.38
N ALA A 38 -23.15 0.45 -5.73
CA ALA A 38 -21.97 0.62 -4.88
C ALA A 38 -21.03 1.73 -5.33
N ARG A 39 -20.35 2.39 -4.39
CA ARG A 39 -19.42 3.47 -4.68
C ARG A 39 -18.23 3.04 -5.54
N GLN A 40 -17.85 1.78 -5.46
CA GLN A 40 -16.74 1.18 -6.21
C GLN A 40 -16.96 1.27 -7.72
N CYS A 41 -18.23 1.28 -8.14
CA CYS A 41 -18.70 1.33 -9.52
C CYS A 41 -18.44 2.65 -10.30
N PHE A 42 -17.86 3.66 -9.65
CA PHE A 42 -17.68 4.97 -10.23
C PHE A 42 -16.25 5.42 -10.29
N PRO A 43 -15.46 5.08 -11.35
CA PRO A 43 -14.08 5.58 -11.42
C PRO A 43 -14.00 7.07 -11.74
N SER A 44 -15.07 7.65 -12.32
CA SER A 44 -15.06 9.06 -12.68
C SER A 44 -16.31 9.82 -12.28
N ARG A 45 -16.13 11.12 -12.02
CA ARG A 45 -17.18 12.07 -11.64
C ARG A 45 -17.82 12.72 -12.86
N ASP A 46 -17.39 12.27 -14.07
CA ASP A 46 -17.93 12.71 -15.34
C ASP A 46 -19.06 11.76 -15.74
N LEU A 47 -20.30 12.12 -15.33
CA LEU A 47 -21.53 11.38 -15.57
C LEU A 47 -21.76 10.98 -17.03
N LYS A 48 -21.10 11.71 -17.96
CA LYS A 48 -21.16 11.52 -19.42
C LYS A 48 -20.84 10.07 -19.78
N ASP A 49 -19.81 9.52 -19.14
CA ASP A 49 -19.33 8.16 -19.37
C ASP A 49 -20.23 7.04 -18.86
N TYR A 50 -21.33 7.38 -18.16
CA TYR A 50 -22.24 6.40 -17.58
C TYR A 50 -23.53 6.27 -18.31
N GLU A 51 -24.00 5.00 -18.35
CA GLU A 51 -25.28 4.60 -18.94
C GLU A 51 -25.82 3.41 -18.16
N ALA A 52 -27.14 3.35 -17.97
CA ALA A 52 -27.76 2.23 -17.28
C ALA A 52 -28.65 1.46 -18.25
N TRP A 53 -28.47 0.13 -18.31
CA TRP A 53 -29.23 -0.76 -19.18
C TRP A 53 -30.20 -1.60 -18.37
N LEU A 54 -31.46 -1.56 -18.77
CA LEU A 54 -32.55 -2.26 -18.12
C LEU A 54 -33.25 -3.03 -19.22
N GLY A 55 -33.87 -4.17 -18.89
CA GLY A 55 -34.49 -5.03 -19.88
C GLY A 55 -33.50 -6.04 -20.42
N ILE A 56 -32.23 -5.99 -20.00
CA ILE A 56 -31.25 -6.94 -20.50
C ILE A 56 -31.09 -8.24 -19.70
N HIS A 57 -30.70 -9.34 -20.38
CA HIS A 57 -30.38 -10.66 -19.81
C HIS A 57 -28.92 -10.93 -20.12
N ASP A 58 -28.48 -10.53 -21.34
CA ASP A 58 -27.10 -10.67 -21.82
C ASP A 58 -26.32 -9.36 -21.54
N VAL A 59 -25.05 -9.52 -21.14
CA VAL A 59 -24.14 -8.42 -20.86
C VAL A 59 -23.96 -7.44 -22.05
N HIS A 60 -23.85 -7.97 -23.29
CA HIS A 60 -23.75 -7.15 -24.50
C HIS A 60 -25.09 -6.74 -25.08
N GLY A 61 -26.17 -7.10 -24.40
CA GLY A 61 -27.55 -6.76 -24.77
C GLY A 61 -27.96 -7.39 -26.09
N ARG A 62 -27.52 -8.64 -26.32
CA ARG A 62 -27.74 -9.37 -27.57
C ARG A 62 -29.21 -9.69 -27.92
N GLY A 63 -29.80 -10.68 -27.28
CA GLY A 63 -31.18 -11.02 -27.60
C GLY A 63 -32.21 -10.02 -27.09
N ASP A 64 -31.74 -8.97 -26.40
CA ASP A 64 -32.58 -7.95 -25.77
C ASP A 64 -32.55 -6.68 -26.61
N GLU A 65 -33.69 -6.34 -27.23
CA GLU A 65 -33.84 -5.17 -28.10
C GLU A 65 -35.24 -4.60 -28.07
N LYS A 66 -36.24 -5.47 -27.83
CA LYS A 66 -37.65 -5.11 -27.71
C LYS A 66 -37.91 -4.79 -26.22
N CYS A 67 -36.93 -5.18 -25.37
CA CYS A 67 -36.96 -5.04 -23.92
C CYS A 67 -36.04 -3.94 -23.46
N LYS A 68 -34.76 -4.00 -23.92
CA LYS A 68 -33.67 -3.10 -23.58
C LYS A 68 -34.12 -1.64 -23.52
N GLN A 69 -33.82 -1.02 -22.40
CA GLN A 69 -34.07 0.36 -22.08
C GLN A 69 -32.70 0.89 -21.70
N VAL A 70 -32.26 1.98 -22.33
CA VAL A 70 -30.95 2.56 -22.02
C VAL A 70 -31.08 4.01 -21.62
N LEU A 71 -30.75 4.27 -20.35
CA LEU A 71 -30.88 5.56 -19.70
C LEU A 71 -29.56 6.17 -19.28
N ASN A 72 -29.52 7.52 -19.31
CA ASN A 72 -28.37 8.34 -18.92
C ASN A 72 -28.47 8.60 -17.42
N VAL A 73 -27.33 8.96 -16.78
CA VAL A 73 -27.31 9.18 -15.34
C VAL A 73 -27.24 10.66 -14.98
N SER A 74 -28.34 11.22 -14.42
CA SER A 74 -28.44 12.63 -14.03
C SER A 74 -27.80 12.96 -12.70
N GLN A 75 -27.86 12.05 -11.70
CA GLN A 75 -27.37 12.28 -10.33
C GLN A 75 -26.70 11.09 -9.68
N LEU A 76 -25.79 11.39 -8.74
CA LEU A 76 -25.04 10.47 -7.88
C LEU A 76 -25.16 10.98 -6.46
N VAL A 77 -26.08 10.38 -5.69
CA VAL A 77 -26.32 10.66 -4.28
C VAL A 77 -25.59 9.55 -3.52
N TYR A 78 -24.54 9.90 -2.80
CA TYR A 78 -23.74 8.95 -2.05
C TYR A 78 -24.32 8.75 -0.63
N GLY A 79 -24.37 7.49 -0.20
CA GLY A 79 -24.85 7.11 1.12
C GLY A 79 -23.89 7.48 2.22
N PRO A 80 -24.34 7.38 3.50
CA PRO A 80 -23.49 7.73 4.67
C PRO A 80 -22.07 7.21 4.66
N GLU A 81 -21.11 7.98 5.22
CA GLU A 81 -19.65 7.67 5.29
C GLU A 81 -19.26 6.19 5.42
N GLY A 82 -20.03 5.46 6.24
CA GLY A 82 -19.82 4.04 6.44
C GLY A 82 -20.03 3.23 5.17
N SER A 83 -21.32 3.19 4.69
CA SER A 83 -21.82 2.48 3.49
C SER A 83 -21.06 2.79 2.23
N ASP A 84 -20.87 1.76 1.40
CA ASP A 84 -20.25 1.96 0.10
C ASP A 84 -21.42 1.98 -0.90
N LEU A 85 -22.51 2.66 -0.54
CA LEU A 85 -23.74 2.76 -1.30
C LEU A 85 -23.80 4.05 -2.06
N VAL A 86 -24.53 4.02 -3.17
CA VAL A 86 -24.76 5.17 -4.02
C VAL A 86 -26.09 5.01 -4.68
N LEU A 87 -26.84 6.12 -4.73
CA LEU A 87 -28.13 6.18 -5.36
C LEU A 87 -27.97 6.98 -6.66
N MET A 88 -28.40 6.36 -7.77
CA MET A 88 -28.32 6.91 -9.10
C MET A 88 -29.65 7.45 -9.56
N LYS A 89 -29.71 8.73 -9.95
CA LYS A 89 -30.95 9.20 -10.56
C LYS A 89 -30.81 9.07 -12.06
N LEU A 90 -31.70 8.31 -12.68
CA LEU A 90 -31.70 8.12 -14.11
C LEU A 90 -32.31 9.37 -14.76
N ALA A 91 -31.71 9.81 -15.90
CA ALA A 91 -32.12 11.02 -16.64
C ALA A 91 -33.61 11.06 -17.04
N ARG A 92 -34.23 9.88 -17.23
CA ARG A 92 -35.66 9.74 -17.54
C ARG A 92 -36.22 8.49 -16.84
N PRO A 93 -37.48 8.48 -16.33
CA PRO A 93 -37.97 7.28 -15.62
C PRO A 93 -37.90 6.01 -16.44
N ALA A 94 -37.59 4.90 -15.78
CA ALA A 94 -37.59 3.62 -16.46
C ALA A 94 -39.08 3.27 -16.62
N VAL A 95 -39.45 2.78 -17.79
CA VAL A 95 -40.83 2.41 -18.07
C VAL A 95 -41.01 1.00 -17.57
N LEU A 96 -41.95 0.84 -16.64
CA LEU A 96 -42.23 -0.46 -16.04
C LEU A 96 -43.15 -1.29 -16.89
N ASP A 97 -42.55 -2.19 -17.65
CA ASP A 97 -43.25 -3.10 -18.54
C ASP A 97 -43.11 -4.54 -17.99
N ASP A 98 -43.34 -5.55 -18.84
CA ASP A 98 -43.22 -6.96 -18.50
C ASP A 98 -41.76 -7.32 -18.28
N PHE A 99 -40.84 -6.59 -18.94
CA PHE A 99 -39.41 -6.86 -18.87
C PHE A 99 -38.63 -5.99 -17.86
N VAL A 100 -39.17 -4.83 -17.48
CA VAL A 100 -38.54 -3.92 -16.54
C VAL A 100 -39.44 -3.70 -15.33
N SER A 101 -38.91 -3.94 -14.11
CA SER A 101 -39.68 -3.78 -12.89
C SER A 101 -38.82 -3.32 -11.72
N THR A 102 -39.45 -2.83 -10.64
CA THR A 102 -38.70 -2.43 -9.44
C THR A 102 -38.57 -3.58 -8.42
N ILE A 103 -37.72 -3.37 -7.41
CA ILE A 103 -37.51 -4.29 -6.31
C ILE A 103 -37.82 -3.57 -4.98
N ASP A 104 -38.59 -4.24 -4.11
CA ASP A 104 -38.98 -3.71 -2.82
C ASP A 104 -37.82 -3.65 -1.85
N LEU A 105 -37.91 -2.72 -0.93
CA LEU A 105 -36.90 -2.52 0.09
C LEU A 105 -37.45 -3.01 1.42
N PRO A 106 -36.60 -3.48 2.34
CA PRO A 106 -37.11 -3.84 3.66
C PRO A 106 -37.38 -2.53 4.44
N ASN A 107 -38.17 -2.61 5.51
CA ASN A 107 -38.47 -1.45 6.36
C ASN A 107 -37.24 -1.16 7.28
N TYR A 108 -37.15 0.06 7.85
CA TYR A 108 -36.03 0.47 8.69
C TYR A 108 -35.79 -0.41 9.92
N GLY A 109 -36.86 -0.67 10.67
CA GLY A 109 -36.74 -1.45 11.89
C GLY A 109 -36.90 -2.94 11.70
N SER A 110 -36.27 -3.50 10.66
CA SER A 110 -36.40 -4.92 10.34
C SER A 110 -35.13 -5.76 10.24
N THR A 111 -35.34 -7.08 10.31
CA THR A 111 -34.33 -8.15 10.23
C THR A 111 -34.90 -9.39 9.51
N ILE A 112 -34.00 -10.25 9.02
CA ILE A 112 -34.38 -11.51 8.37
C ILE A 112 -33.84 -12.71 9.15
N PRO A 113 -34.70 -13.75 9.30
CA PRO A 113 -34.27 -14.95 10.04
C PRO A 113 -33.04 -15.60 9.47
N GLU A 114 -32.19 -16.24 10.32
CA GLU A 114 -31.03 -17.01 9.88
C GLU A 114 -31.53 -18.11 8.91
N LYS A 115 -30.66 -18.57 8.03
CA LYS A 115 -30.98 -19.60 7.04
C LYS A 115 -32.13 -19.26 6.04
N THR A 116 -32.46 -17.95 5.87
CA THR A 116 -33.45 -17.48 4.88
C THR A 116 -32.75 -17.59 3.54
N SER A 117 -33.44 -18.11 2.52
CA SER A 117 -32.81 -18.28 1.23
C SER A 117 -32.66 -16.98 0.44
N CYS A 118 -31.47 -16.80 -0.15
CA CYS A 118 -31.12 -15.62 -0.92
C CYS A 118 -30.49 -15.94 -2.27
N SER A 119 -30.43 -14.93 -3.14
CA SER A 119 -29.81 -15.03 -4.44
C SER A 119 -28.97 -13.80 -4.76
N VAL A 120 -27.81 -14.01 -5.37
CA VAL A 120 -26.97 -12.92 -5.88
C VAL A 120 -26.95 -13.02 -7.41
N TYR A 121 -27.22 -11.91 -8.10
CA TYR A 121 -27.30 -11.88 -9.55
C TYR A 121 -26.24 -10.99 -10.13
N GLY A 122 -25.70 -11.39 -11.28
CA GLY A 122 -24.69 -10.60 -11.97
C GLY A 122 -24.05 -11.19 -13.19
N TRP A 123 -23.46 -10.30 -14.00
CA TRP A 123 -22.76 -10.60 -15.24
C TRP A 123 -21.26 -10.62 -15.03
N GLY A 124 -20.84 -10.74 -13.77
CA GLY A 124 -19.45 -10.76 -13.35
C GLY A 124 -18.66 -12.00 -13.74
N TYR A 125 -17.39 -12.06 -13.28
CA TYR A 125 -16.46 -13.16 -13.52
C TYR A 125 -17.06 -14.50 -13.08
N THR A 126 -16.92 -15.55 -13.89
CA THR A 126 -17.50 -16.86 -13.58
C THR A 126 -16.46 -17.97 -13.48
N GLY A 127 -15.22 -17.68 -13.83
CA GLY A 127 -14.14 -18.66 -13.79
C GLY A 127 -14.27 -19.70 -14.88
N LEU A 128 -15.24 -19.49 -15.78
CA LEU A 128 -15.53 -20.37 -16.93
C LEU A 128 -14.65 -19.90 -18.07
N ILE A 129 -14.40 -20.80 -19.06
CA ILE A 129 -13.57 -20.45 -20.22
C ILE A 129 -14.35 -19.52 -21.15
N ASN A 130 -15.36 -20.06 -21.85
CA ASN A 130 -16.18 -19.28 -22.77
C ASN A 130 -17.53 -18.97 -22.14
N TYR A 131 -17.58 -17.85 -21.40
CA TYR A 131 -18.80 -17.36 -20.75
C TYR A 131 -19.64 -16.69 -21.83
N ASP A 132 -20.93 -17.06 -21.89
CA ASP A 132 -21.92 -16.59 -22.86
C ASP A 132 -22.51 -15.18 -22.61
N GLY A 133 -22.11 -14.56 -21.51
CA GLY A 133 -22.56 -13.22 -21.16
C GLY A 133 -23.97 -13.14 -20.60
N LEU A 134 -24.60 -14.29 -20.33
CA LEU A 134 -25.94 -14.32 -19.77
C LEU A 134 -25.94 -14.12 -18.26
N LEU A 135 -27.02 -13.49 -17.71
CA LEU A 135 -27.16 -13.23 -16.26
C LEU A 135 -27.11 -14.51 -15.42
N ARG A 136 -26.23 -14.50 -14.44
CA ARG A 136 -26.05 -15.62 -13.53
C ARG A 136 -26.71 -15.40 -12.17
N VAL A 137 -26.80 -16.47 -11.35
CA VAL A 137 -27.42 -16.47 -10.02
C VAL A 137 -26.79 -17.48 -9.08
N ALA A 138 -26.41 -17.06 -7.88
CA ALA A 138 -25.85 -17.96 -6.87
C ALA A 138 -26.83 -18.10 -5.73
N HIS A 139 -27.01 -19.30 -5.23
CA HIS A 139 -27.92 -19.46 -4.13
C HIS A 139 -27.19 -19.48 -2.82
N LEU A 140 -27.64 -18.61 -1.94
CA LEU A 140 -27.07 -18.34 -0.64
C LEU A 140 -28.16 -18.48 0.43
N TYR A 141 -27.75 -18.51 1.70
CA TYR A 141 -28.62 -18.58 2.89
C TYR A 141 -28.11 -17.58 3.95
N ILE A 142 -29.03 -16.87 4.64
CA ILE A 142 -28.68 -15.91 5.67
C ILE A 142 -27.95 -16.55 6.85
N MET A 143 -26.99 -15.85 7.41
CA MET A 143 -26.19 -16.32 8.52
C MET A 143 -26.05 -15.22 9.53
N GLY A 144 -25.96 -15.61 10.80
CA GLY A 144 -25.77 -14.67 11.88
C GLY A 144 -24.43 -13.98 11.74
N ASN A 145 -24.38 -12.71 12.16
CA ASN A 145 -23.18 -11.90 12.08
C ASN A 145 -22.07 -12.47 12.96
N GLU A 146 -22.45 -13.04 14.13
CA GLU A 146 -21.52 -13.64 15.08
C GLU A 146 -20.84 -14.92 14.56
N LYS A 147 -21.65 -15.85 13.99
CA LYS A 147 -21.14 -17.11 13.43
C LYS A 147 -20.36 -16.87 12.12
N CYS A 148 -20.64 -15.74 11.42
CA CYS A 148 -19.97 -15.35 10.18
C CYS A 148 -18.59 -14.73 10.45
N SER A 149 -18.46 -14.00 11.57
CA SER A 149 -17.20 -13.36 11.98
C SER A 149 -16.12 -14.41 12.30
N GLN A 150 -16.54 -15.55 12.93
CA GLN A 150 -15.72 -16.70 13.31
C GLN A 150 -15.28 -17.45 12.04
N HIS A 151 -16.25 -17.74 11.15
CA HIS A 151 -16.07 -18.43 9.86
C HIS A 151 -15.02 -17.77 8.95
N HIS A 152 -14.74 -16.46 9.18
CA HIS A 152 -13.76 -15.63 8.48
C HIS A 152 -12.36 -15.74 9.11
N ARG A 153 -12.19 -16.69 10.06
CA ARG A 153 -10.98 -17.01 10.83
C ARG A 153 -10.55 -15.84 11.77
N GLY A 154 -11.57 -15.21 12.39
CA GLY A 154 -11.42 -14.09 13.32
C GLY A 154 -10.67 -12.88 12.82
N LYS A 155 -10.61 -12.71 11.46
CA LYS A 155 -9.91 -11.61 10.78
C LYS A 155 -10.77 -10.36 10.62
N VAL A 156 -12.09 -10.53 10.43
CA VAL A 156 -13.01 -9.41 10.25
C VAL A 156 -14.21 -9.43 11.23
N THR A 157 -14.51 -8.26 11.84
CA THR A 157 -15.64 -8.06 12.77
C THR A 157 -16.70 -7.17 12.09
N LEU A 158 -17.98 -7.61 12.16
CA LEU A 158 -19.09 -6.94 11.48
C LEU A 158 -19.84 -5.87 12.28
N ASN A 159 -20.27 -4.79 11.58
CA ASN A 159 -21.11 -3.71 12.11
C ASN A 159 -22.59 -4.12 11.90
N GLU A 160 -23.55 -3.29 12.38
CA GLU A 160 -24.99 -3.56 12.20
C GLU A 160 -25.40 -3.26 10.75
N SER A 161 -24.52 -2.51 10.02
CA SER A 161 -24.67 -2.10 8.63
C SER A 161 -24.30 -3.22 7.62
N GLU A 162 -23.69 -4.31 8.11
CA GLU A 162 -23.28 -5.47 7.31
C GLU A 162 -24.22 -6.68 7.47
N ILE A 163 -24.24 -7.56 6.46
CA ILE A 163 -25.11 -8.74 6.45
C ILE A 163 -24.37 -9.95 5.88
N CYS A 164 -24.53 -11.11 6.53
CA CYS A 164 -23.85 -12.31 6.09
C CYS A 164 -24.71 -13.29 5.39
N ALA A 165 -24.12 -13.97 4.42
CA ALA A 165 -24.79 -14.97 3.63
C ALA A 165 -23.79 -16.01 3.19
N GLY A 166 -24.04 -17.23 3.63
CA GLY A 166 -23.23 -18.40 3.30
C GLY A 166 -23.76 -19.04 2.04
N ALA A 167 -22.86 -19.69 1.28
CA ALA A 167 -23.21 -20.31 0.00
C ALA A 167 -23.92 -21.65 0.14
N GLU A 168 -24.91 -21.90 -0.74
CA GLU A 168 -25.60 -23.18 -0.74
C GLU A 168 -24.82 -24.26 -1.51
N LYS A 169 -23.98 -23.86 -2.53
CA LYS A 169 -23.17 -24.76 -3.37
C LYS A 169 -21.62 -24.65 -3.21
N ILE A 170 -21.18 -24.48 -1.98
CA ILE A 170 -19.79 -24.45 -1.50
C ILE A 170 -18.81 -23.45 -2.18
N GLY A 171 -18.37 -23.75 -3.39
CA GLY A 171 -17.44 -22.85 -4.08
C GLY A 171 -18.04 -21.60 -4.71
N SER A 172 -19.34 -21.31 -4.46
CA SER A 172 -20.06 -20.19 -5.06
C SER A 172 -19.90 -18.80 -4.41
N GLY A 173 -20.39 -17.75 -5.10
CA GLY A 173 -20.35 -16.36 -4.63
C GLY A 173 -20.06 -15.30 -5.69
N PRO A 174 -20.31 -13.98 -5.38
CA PRO A 174 -20.04 -12.92 -6.37
C PRO A 174 -18.57 -12.60 -6.52
N CYS A 175 -18.25 -11.86 -7.61
CA CYS A 175 -16.88 -11.48 -7.95
C CYS A 175 -16.80 -10.13 -8.66
N GLU A 176 -15.67 -9.90 -9.33
CA GLU A 176 -15.37 -8.74 -10.16
C GLU A 176 -16.46 -8.65 -11.23
N GLY A 177 -17.11 -7.50 -11.29
CA GLY A 177 -18.19 -7.27 -12.23
C GLY A 177 -19.55 -7.46 -11.63
N ASP A 178 -19.63 -8.09 -10.44
CA ASP A 178 -20.88 -8.35 -9.74
C ASP A 178 -21.29 -7.24 -8.76
N TYR A 179 -20.32 -6.43 -8.32
CA TYR A 179 -20.52 -5.34 -7.36
C TYR A 179 -21.71 -4.44 -7.69
N GLY A 180 -22.35 -3.92 -6.65
CA GLY A 180 -23.49 -3.04 -6.81
C GLY A 180 -24.76 -3.83 -6.97
N GLY A 181 -24.63 -5.08 -7.39
CA GLY A 181 -25.77 -5.97 -7.58
C GLY A 181 -26.48 -6.31 -6.28
N PRO A 182 -27.72 -6.84 -6.34
CA PRO A 182 -28.44 -7.12 -5.10
C PRO A 182 -28.26 -8.50 -4.50
N LEU A 183 -28.70 -8.62 -3.25
CA LEU A 183 -28.85 -9.82 -2.43
C LEU A 183 -30.35 -9.79 -2.15
N VAL A 184 -31.05 -10.63 -2.90
CA VAL A 184 -32.50 -10.75 -2.92
C VAL A 184 -32.89 -11.93 -2.03
N CYS A 185 -33.83 -11.71 -1.09
CA CYS A 185 -34.36 -12.75 -0.21
C CYS A 185 -35.86 -12.54 -0.13
N GLU A 186 -36.62 -13.58 0.23
CA GLU A 186 -38.06 -13.40 0.35
C GLU A 186 -38.52 -13.16 1.79
N GLN A 187 -38.79 -11.87 2.11
CA GLN A 187 -39.24 -11.40 3.42
C GLN A 187 -40.77 -11.24 3.35
N HIS A 188 -41.49 -12.10 4.11
CA HIS A 188 -42.96 -12.16 4.24
C HIS A 188 -43.67 -12.46 2.90
N LYS A 189 -43.09 -13.37 2.07
CA LYS A 189 -43.60 -13.71 0.73
C LYS A 189 -43.64 -12.42 -0.14
N MET A 190 -42.45 -11.99 -0.59
CA MET A 190 -42.19 -10.81 -1.41
C MET A 190 -40.69 -10.70 -1.60
N ARG A 191 -40.24 -10.44 -2.84
CA ARG A 191 -38.82 -10.29 -3.13
C ARG A 191 -38.36 -8.90 -2.76
N MET A 192 -37.34 -8.83 -1.89
CA MET A 192 -36.77 -7.58 -1.40
C MET A 192 -35.25 -7.48 -1.55
N VAL A 193 -34.74 -6.26 -1.77
CA VAL A 193 -33.29 -6.12 -1.83
C VAL A 193 -32.77 -5.96 -0.39
N LEU A 194 -32.07 -6.97 0.14
CA LEU A 194 -31.58 -6.91 1.52
C LEU A 194 -30.14 -6.52 1.60
N GLY A 195 -29.42 -6.77 0.53
CA GLY A 195 -28.00 -6.45 0.50
C GLY A 195 -27.46 -5.94 -0.82
N VAL A 196 -26.33 -5.28 -0.75
CA VAL A 196 -25.66 -4.77 -1.94
C VAL A 196 -24.30 -5.46 -2.02
N ILE A 197 -24.01 -6.09 -3.16
CA ILE A 197 -22.73 -6.76 -3.36
C ILE A 197 -21.64 -5.68 -3.30
N VAL A 198 -20.57 -5.95 -2.57
CA VAL A 198 -19.42 -5.06 -2.42
C VAL A 198 -18.16 -5.93 -2.51
N PRO A 199 -16.96 -5.38 -2.82
CA PRO A 199 -15.77 -6.24 -2.85
C PRO A 199 -15.54 -6.93 -1.50
N GLY A 200 -14.99 -8.11 -1.55
CA GLY A 200 -14.72 -8.86 -0.34
C GLY A 200 -13.24 -9.10 -0.12
N ARG A 201 -12.92 -10.26 0.47
CA ARG A 201 -11.57 -10.66 0.81
C ARG A 201 -11.08 -11.89 0.06
N GLY A 202 -11.76 -12.14 -1.06
CA GLY A 202 -11.49 -13.25 -1.96
C GLY A 202 -12.78 -13.67 -2.63
N CYS A 203 -12.69 -14.00 -3.91
CA CYS A 203 -13.84 -14.40 -4.70
C CYS A 203 -14.17 -15.87 -4.46
N ALA A 204 -15.38 -16.16 -3.96
CA ALA A 204 -15.93 -17.50 -3.76
C ALA A 204 -15.03 -18.55 -3.08
N ILE A 205 -14.73 -18.35 -1.79
CA ILE A 205 -13.90 -19.25 -0.99
C ILE A 205 -14.80 -20.32 -0.34
N PRO A 206 -14.42 -21.63 -0.46
CA PRO A 206 -15.24 -22.70 0.16
C PRO A 206 -15.34 -22.56 1.68
N ASN A 207 -16.58 -22.62 2.18
CA ASN A 207 -16.98 -22.53 3.58
C ASN A 207 -16.90 -21.14 4.24
N ARG A 208 -16.18 -20.17 3.63
CA ARG A 208 -16.11 -18.78 4.09
C ARG A 208 -17.35 -18.02 3.56
N PRO A 209 -18.14 -17.34 4.42
CA PRO A 209 -19.34 -16.65 3.91
C PRO A 209 -19.06 -15.23 3.41
N GLY A 210 -20.05 -14.62 2.78
CA GLY A 210 -19.85 -13.32 2.20
C GLY A 210 -20.55 -12.19 2.91
N ILE A 211 -19.83 -11.07 3.01
CA ILE A 211 -20.37 -9.85 3.60
C ILE A 211 -20.96 -8.96 2.52
N PHE A 212 -22.17 -8.53 2.77
CA PHE A 212 -22.95 -7.63 1.93
C PHE A 212 -23.25 -6.44 2.82
N VAL A 213 -23.96 -5.43 2.32
CA VAL A 213 -24.28 -4.29 3.16
C VAL A 213 -25.76 -4.34 3.46
N ARG A 214 -26.13 -4.14 4.74
CA ARG A 214 -27.53 -4.17 5.18
C ARG A 214 -28.34 -2.97 4.66
N VAL A 215 -29.13 -3.22 3.61
CA VAL A 215 -30.00 -2.21 3.00
C VAL A 215 -30.97 -1.67 4.07
N ALA A 216 -31.57 -2.57 4.90
CA ALA A 216 -32.49 -2.19 5.99
C ALA A 216 -31.92 -1.12 6.92
N TYR A 217 -30.61 -1.21 7.22
CA TYR A 217 -29.90 -0.27 8.08
C TYR A 217 -29.99 1.16 7.50
N TYR A 218 -29.99 1.27 6.16
CA TYR A 218 -30.04 2.55 5.45
C TYR A 218 -31.38 2.90 4.82
N ALA A 219 -32.44 2.06 4.97
CA ALA A 219 -33.78 2.29 4.44
C ALA A 219 -34.38 3.69 4.72
N LYS A 220 -34.04 4.28 5.88
CA LYS A 220 -34.47 5.64 6.23
C LYS A 220 -33.86 6.60 5.20
N TRP A 221 -32.53 6.53 5.01
CA TRP A 221 -31.79 7.38 4.10
C TRP A 221 -32.23 7.13 2.66
N ILE A 222 -32.37 5.86 2.27
CA ILE A 222 -32.80 5.50 0.93
C ILE A 222 -34.15 6.15 0.62
N HIS A 223 -35.15 5.98 1.49
CA HIS A 223 -36.48 6.58 1.31
C HIS A 223 -36.44 8.09 1.37
N LYS A 224 -35.44 8.66 2.07
CA LYS A 224 -35.29 10.12 2.17
C LYS A 224 -34.97 10.65 0.76
N ILE A 225 -34.01 10.02 0.07
CA ILE A 225 -33.60 10.40 -1.28
C ILE A 225 -34.70 10.11 -2.32
N ILE A 226 -34.96 8.82 -2.60
CA ILE A 226 -35.96 8.33 -3.56
C ILE A 226 -37.38 8.91 -3.45
N LEU A 227 -37.79 9.40 -2.26
CA LEU A 227 -39.12 9.98 -2.06
C LEU A 227 -39.01 11.53 -2.10
N THR A 228 -39.10 12.11 -3.31
CA THR A 228 -39.02 13.56 -3.52
C THR A 228 -40.34 14.28 -3.19
N MET B 15 37.10 -3.20 19.66
CA MET B 15 36.21 -3.85 20.61
C MET B 15 34.74 -3.65 20.30
N LYS B 16 34.05 -4.75 19.86
CA LYS B 16 32.62 -4.76 19.49
C LYS B 16 31.68 -5.78 20.20
N TYR B 17 30.35 -5.50 20.09
CA TYR B 17 29.19 -6.15 20.72
C TYR B 17 28.67 -7.41 19.99
N GLN B 18 28.21 -8.41 20.78
CA GLN B 18 27.66 -9.68 20.29
C GLN B 18 26.12 -9.67 20.38
N LEU B 19 25.49 -9.40 19.22
CA LEU B 19 24.03 -9.27 19.04
C LEU B 19 23.55 -10.22 17.94
N PRO B 20 22.28 -10.73 17.97
CA PRO B 20 21.82 -11.62 16.88
C PRO B 20 22.05 -11.06 15.48
N ASN B 21 22.83 -11.78 14.68
CA ASN B 21 23.16 -11.39 13.32
C ASN B 21 22.75 -12.52 12.35
N PHE B 22 22.78 -12.24 11.05
CA PHE B 22 22.50 -13.22 10.01
C PHE B 22 23.23 -12.86 8.71
N THR B 23 24.09 -13.78 8.24
CA THR B 23 24.81 -13.55 7.00
C THR B 23 24.27 -14.39 5.83
N ALA B 24 23.69 -13.68 4.84
CA ALA B 24 23.09 -14.23 3.62
C ALA B 24 24.19 -14.47 2.58
N GLU B 25 23.94 -15.36 1.60
CA GLU B 25 24.92 -15.66 0.53
C GLU B 25 24.98 -14.57 -0.55
N THR B 26 23.97 -13.66 -0.57
CA THR B 26 23.81 -12.54 -1.51
C THR B 26 23.35 -11.25 -0.78
N PRO B 27 23.46 -10.03 -1.40
CA PRO B 27 23.00 -8.79 -0.71
C PRO B 27 21.53 -8.78 -0.28
N ILE B 28 21.20 -8.04 0.82
CA ILE B 28 19.81 -7.90 1.26
C ILE B 28 19.28 -6.54 0.77
N GLN B 29 18.11 -6.54 0.08
CA GLN B 29 17.50 -5.34 -0.48
C GLN B 29 16.37 -4.77 0.38
N ASN B 30 15.41 -5.62 0.78
CA ASN B 30 14.28 -5.20 1.60
C ASN B 30 14.01 -6.16 2.76
N VAL B 31 13.58 -5.59 3.89
CA VAL B 31 13.24 -6.38 5.07
C VAL B 31 11.77 -6.16 5.44
N ILE B 32 11.11 -7.21 5.93
CA ILE B 32 9.72 -7.15 6.37
C ILE B 32 9.60 -7.96 7.64
N LEU B 33 8.83 -7.48 8.60
CA LEU B 33 8.63 -8.28 9.80
C LEU B 33 7.15 -8.66 9.89
N HIS B 34 6.87 -9.95 9.86
CA HIS B 34 5.51 -10.44 9.91
C HIS B 34 5.41 -11.68 10.73
N GLU B 35 4.47 -11.68 11.70
CA GLU B 35 4.13 -12.81 12.57
C GLU B 35 5.38 -13.55 13.12
N HIS B 36 6.24 -12.80 13.83
CA HIS B 36 7.50 -13.28 14.42
C HIS B 36 8.44 -13.93 13.42
N HIS B 37 8.45 -13.43 12.18
CA HIS B 37 9.32 -13.93 11.12
C HIS B 37 9.88 -12.78 10.33
N ILE B 38 11.18 -12.82 10.10
CA ILE B 38 11.85 -11.80 9.34
C ILE B 38 11.94 -12.32 7.91
N PHE B 39 11.39 -11.57 6.97
CA PHE B 39 11.46 -11.93 5.56
C PHE B 39 12.47 -11.03 4.93
N LEU B 40 13.53 -11.61 4.38
CA LEU B 40 14.54 -10.81 3.70
C LEU B 40 14.38 -10.90 2.21
N GLY B 41 14.56 -9.77 1.55
CA GLY B 41 14.51 -9.68 0.10
C GLY B 41 15.93 -9.60 -0.41
N ALA B 42 16.46 -10.71 -0.89
CA ALA B 42 17.85 -10.79 -1.33
C ALA B 42 18.02 -11.06 -2.83
N THR B 43 19.29 -10.99 -3.32
CA THR B 43 19.57 -11.29 -4.73
C THR B 43 19.38 -12.80 -4.89
N ASN B 44 18.47 -13.19 -5.79
CA ASN B 44 18.15 -14.59 -6.12
C ASN B 44 17.48 -15.36 -4.99
N TYR B 45 17.22 -14.74 -3.83
CA TYR B 45 16.59 -15.42 -2.69
C TYR B 45 15.63 -14.56 -1.87
N ILE B 46 14.75 -15.22 -1.11
CA ILE B 46 13.86 -14.59 -0.16
C ILE B 46 14.13 -15.42 1.09
N TYR B 47 15.01 -14.93 1.97
CA TYR B 47 15.33 -15.66 3.19
C TYR B 47 14.23 -15.44 4.19
N VAL B 48 13.99 -16.44 5.03
CA VAL B 48 12.96 -16.34 6.06
C VAL B 48 13.59 -16.71 7.38
N LEU B 49 13.88 -15.68 8.21
CA LEU B 49 14.49 -15.86 9.51
C LEU B 49 13.47 -15.89 10.63
N ASN B 50 13.92 -16.27 11.82
CA ASN B 50 13.12 -16.29 13.03
C ASN B 50 13.41 -14.98 13.78
N GLU B 51 12.36 -14.30 14.30
CA GLU B 51 12.46 -13.01 15.00
C GLU B 51 13.45 -13.01 16.16
N GLU B 52 13.38 -14.04 17.04
CA GLU B 52 14.19 -14.15 18.25
C GLU B 52 15.70 -14.30 18.03
N ASP B 53 16.14 -15.25 17.20
CA ASP B 53 17.57 -15.54 17.01
C ASP B 53 18.21 -15.26 15.64
N LEU B 54 17.43 -14.83 14.63
CA LEU B 54 17.88 -14.54 13.25
C LEU B 54 18.48 -15.75 12.51
N GLN B 55 17.92 -16.94 12.82
CA GLN B 55 18.30 -18.23 12.22
C GLN B 55 17.43 -18.50 10.98
N LYS B 56 18.06 -18.84 9.84
CA LYS B 56 17.36 -19.12 8.58
C LYS B 56 16.50 -20.39 8.69
N VAL B 57 15.16 -20.18 8.76
CA VAL B 57 14.14 -21.23 8.86
C VAL B 57 13.75 -21.74 7.45
N ALA B 58 13.75 -20.84 6.44
CA ALA B 58 13.44 -21.14 5.05
C ALA B 58 14.15 -20.19 4.10
N GLU B 59 14.05 -20.47 2.80
CA GLU B 59 14.58 -19.67 1.70
C GLU B 59 13.80 -20.04 0.42
N TYR B 60 13.71 -19.11 -0.53
CA TYR B 60 13.02 -19.33 -1.79
C TYR B 60 13.95 -18.88 -2.90
N LYS B 61 14.31 -19.76 -3.85
CA LYS B 61 15.22 -19.38 -4.93
C LYS B 61 14.44 -18.60 -5.98
N THR B 62 14.81 -17.33 -6.19
CA THR B 62 14.15 -16.40 -7.13
C THR B 62 14.97 -16.16 -8.39
N GLY B 63 16.18 -16.69 -8.41
CA GLY B 63 17.09 -16.55 -9.54
C GLY B 63 18.41 -17.29 -9.44
N PRO B 64 19.30 -17.08 -10.44
CA PRO B 64 19.14 -16.24 -11.64
C PRO B 64 17.98 -16.71 -12.53
N VAL B 65 17.43 -15.78 -13.32
CA VAL B 65 16.32 -16.02 -14.24
C VAL B 65 16.77 -15.66 -15.65
N LEU B 66 16.51 -16.58 -16.61
CA LEU B 66 16.88 -16.41 -18.00
C LEU B 66 15.90 -15.52 -18.78
N GLU B 67 16.47 -14.52 -19.45
CA GLU B 67 15.79 -13.52 -20.28
C GLU B 67 15.87 -13.91 -21.77
N HIS B 68 14.72 -13.84 -22.47
CA HIS B 68 14.59 -14.13 -23.92
C HIS B 68 13.51 -13.20 -24.53
N PRO B 69 13.76 -12.56 -25.71
CA PRO B 69 12.76 -11.65 -26.30
C PRO B 69 11.38 -12.24 -26.64
N ASP B 70 11.22 -13.56 -26.45
CA ASP B 70 9.97 -14.27 -26.66
C ASP B 70 9.45 -14.91 -25.38
N CYS B 71 10.36 -15.24 -24.43
CA CYS B 71 9.96 -15.81 -23.13
C CYS B 71 9.41 -14.68 -22.24
N PHE B 72 8.08 -14.49 -22.31
CA PHE B 72 7.28 -13.46 -21.62
C PHE B 72 7.29 -13.56 -20.07
N PRO B 73 6.68 -12.60 -19.31
CA PRO B 73 6.66 -12.72 -17.85
C PRO B 73 5.68 -13.79 -17.38
N CYS B 74 5.96 -14.37 -16.20
CA CYS B 74 5.17 -15.41 -15.53
C CYS B 74 5.03 -16.75 -16.25
N GLN B 75 5.84 -16.94 -17.31
CA GLN B 75 5.94 -18.19 -18.08
C GLN B 75 7.40 -18.64 -18.05
N ASP B 76 7.66 -19.79 -17.39
CA ASP B 76 9.02 -20.34 -17.23
C ASP B 76 9.64 -20.82 -18.55
N CYS B 77 10.97 -20.74 -18.63
CA CYS B 77 11.77 -21.19 -19.78
C CYS B 77 13.17 -21.65 -19.39
N SER B 78 13.24 -22.60 -18.45
CA SER B 78 14.49 -23.25 -18.04
C SER B 78 14.85 -24.21 -19.19
N SER B 79 13.80 -24.71 -19.89
CA SER B 79 13.84 -25.59 -21.06
C SER B 79 14.44 -24.89 -22.30
N LYS B 80 14.36 -23.55 -22.34
CA LYS B 80 14.86 -22.72 -23.44
C LYS B 80 16.28 -22.16 -23.16
N ALA B 81 17.07 -22.88 -22.32
CA ALA B 81 18.43 -22.52 -21.90
C ALA B 81 19.45 -22.33 -23.04
N ASN B 82 19.45 -23.25 -24.04
CA ASN B 82 20.34 -23.21 -25.22
C ASN B 82 19.61 -22.51 -26.38
N LEU B 83 19.65 -21.15 -26.39
CA LEU B 83 18.98 -20.31 -27.38
C LEU B 83 19.90 -19.25 -27.96
N SER B 84 19.71 -18.90 -29.26
CA SER B 84 20.49 -17.91 -30.02
C SER B 84 20.60 -16.52 -29.36
N GLY B 85 19.58 -16.16 -28.58
CA GLY B 85 19.51 -14.88 -27.86
C GLY B 85 19.13 -15.05 -26.41
N GLY B 86 19.91 -15.83 -25.67
CA GLY B 86 19.69 -16.10 -24.26
C GLY B 86 20.64 -15.36 -23.34
N VAL B 87 20.11 -14.80 -22.23
CA VAL B 87 20.88 -14.01 -21.25
C VAL B 87 20.48 -14.24 -19.78
N TRP B 88 21.44 -14.74 -18.95
CA TRP B 88 21.26 -14.99 -17.51
C TRP B 88 21.25 -13.67 -16.72
N LYS B 89 20.10 -13.37 -16.07
CA LYS B 89 19.93 -12.17 -15.23
C LYS B 89 19.74 -12.50 -13.75
N ASP B 90 20.16 -11.55 -12.87
CA ASP B 90 20.07 -11.62 -11.41
C ASP B 90 18.77 -11.01 -10.91
N ASN B 91 18.12 -11.68 -9.93
CA ASN B 91 16.85 -11.24 -9.36
C ASN B 91 17.02 -10.42 -8.08
N ILE B 92 17.16 -9.10 -8.27
CA ILE B 92 17.32 -8.13 -7.20
C ILE B 92 15.92 -7.68 -6.74
N ASN B 93 15.56 -7.99 -5.49
CA ASN B 93 14.30 -7.65 -4.84
C ASN B 93 14.05 -6.14 -4.85
N MET B 94 12.91 -5.71 -5.38
CA MET B 94 12.58 -4.29 -5.44
C MET B 94 11.48 -3.91 -4.48
N ALA B 95 10.55 -4.86 -4.24
CA ALA B 95 9.44 -4.71 -3.30
C ALA B 95 9.19 -6.02 -2.56
N LEU B 96 8.70 -5.90 -1.34
CA LEU B 96 8.37 -7.05 -0.50
C LEU B 96 7.21 -6.52 0.33
N VAL B 97 6.01 -7.03 0.08
CA VAL B 97 4.80 -6.55 0.72
C VAL B 97 4.04 -7.71 1.38
N VAL B 98 3.49 -7.49 2.59
CA VAL B 98 2.72 -8.53 3.30
C VAL B 98 1.26 -8.13 3.23
N ASP B 99 0.44 -8.93 2.54
CA ASP B 99 -1.00 -8.72 2.47
C ASP B 99 -1.71 -9.58 3.52
N THR B 100 -2.45 -8.92 4.40
CA THR B 100 -3.21 -9.60 5.43
C THR B 100 -4.75 -9.37 5.28
N TYR B 101 -5.16 -8.53 4.29
CA TYR B 101 -6.56 -8.21 3.99
C TYR B 101 -7.19 -9.40 3.32
N TYR B 102 -6.48 -9.97 2.33
CA TYR B 102 -6.88 -11.19 1.63
C TYR B 102 -6.17 -12.31 2.41
N ASP B 103 -6.34 -13.59 2.01
CA ASP B 103 -5.67 -14.72 2.65
C ASP B 103 -4.17 -14.41 2.68
N ASP B 104 -3.61 -14.25 3.90
CA ASP B 104 -2.22 -13.90 4.21
C ASP B 104 -1.25 -14.35 3.17
N GLN B 105 -0.54 -13.38 2.57
CA GLN B 105 0.43 -13.63 1.51
C GLN B 105 1.54 -12.59 1.41
N LEU B 106 2.73 -13.07 1.06
CA LEU B 106 3.89 -12.22 0.85
C LEU B 106 3.98 -11.95 -0.65
N ILE B 107 3.75 -10.69 -1.08
CA ILE B 107 3.82 -10.23 -2.47
C ILE B 107 5.26 -9.76 -2.71
N SER B 108 6.02 -10.49 -3.55
CA SER B 108 7.43 -10.16 -3.85
C SER B 108 7.66 -9.76 -5.29
N CYS B 109 8.52 -8.74 -5.53
CA CYS B 109 8.83 -8.19 -6.86
C CYS B 109 10.33 -8.09 -7.09
N GLY B 110 10.77 -8.57 -8.24
CA GLY B 110 12.19 -8.54 -8.62
C GLY B 110 12.47 -7.63 -9.80
N SER B 111 13.78 -7.46 -10.12
CA SER B 111 14.26 -6.61 -11.22
C SER B 111 13.87 -7.19 -12.59
N VAL B 112 14.03 -8.54 -12.72
CA VAL B 112 13.77 -9.36 -13.90
C VAL B 112 12.25 -9.51 -14.23
N ASN B 113 11.92 -10.23 -15.34
CA ASN B 113 10.57 -10.56 -15.83
C ASN B 113 9.72 -9.32 -16.11
N ARG B 114 10.37 -8.17 -16.40
CA ARG B 114 9.69 -6.89 -16.65
C ARG B 114 8.99 -6.38 -15.35
N GLY B 115 9.68 -6.57 -14.22
CA GLY B 115 9.24 -6.17 -12.89
C GLY B 115 7.88 -6.70 -12.51
N THR B 116 7.69 -8.00 -12.71
CA THR B 116 6.45 -8.68 -12.38
C THR B 116 6.49 -9.05 -10.88
N CYS B 117 5.31 -9.12 -10.22
CA CYS B 117 5.24 -9.49 -8.79
C CYS B 117 4.70 -10.89 -8.60
N GLN B 118 4.94 -11.49 -7.44
CA GLN B 118 4.43 -12.83 -7.16
C GLN B 118 3.95 -13.00 -5.72
N ARG B 119 2.76 -13.59 -5.55
CA ARG B 119 2.16 -13.82 -4.23
C ARG B 119 2.46 -15.20 -3.62
N HIS B 120 3.16 -15.20 -2.48
CA HIS B 120 3.50 -16.43 -1.77
C HIS B 120 2.46 -16.64 -0.68
N VAL B 121 1.42 -17.41 -0.98
CA VAL B 121 0.35 -17.66 -0.02
C VAL B 121 0.87 -18.55 1.11
N PHE B 122 0.63 -18.14 2.37
CA PHE B 122 1.10 -18.87 3.54
C PHE B 122 0.09 -19.95 3.94
N PRO B 123 0.57 -21.19 4.16
CA PRO B 123 -0.32 -22.26 4.68
C PRO B 123 -0.82 -21.90 6.09
N HIS B 124 -2.14 -22.12 6.36
CA HIS B 124 -2.86 -21.76 7.59
C HIS B 124 -2.16 -21.84 8.96
N ASN B 125 -1.15 -22.71 9.12
CA ASN B 125 -0.43 -22.77 10.40
C ASN B 125 1.09 -22.68 10.27
N HIS B 126 1.59 -22.40 9.05
CA HIS B 126 3.02 -22.25 8.87
C HIS B 126 3.44 -20.97 8.14
N THR B 127 3.75 -19.93 8.92
CA THR B 127 4.19 -18.61 8.45
C THR B 127 5.55 -18.72 7.72
N ALA B 128 6.38 -19.70 8.10
CA ALA B 128 7.70 -19.93 7.51
C ALA B 128 7.69 -20.61 6.13
N ASP B 129 6.53 -21.18 5.72
CA ASP B 129 6.38 -21.83 4.41
C ASP B 129 6.07 -20.79 3.32
N ILE B 130 7.11 -20.49 2.53
CA ILE B 130 7.12 -19.49 1.47
C ILE B 130 7.13 -20.11 0.04
N GLN B 131 7.27 -21.46 -0.03
CA GLN B 131 7.42 -22.22 -1.26
C GLN B 131 6.18 -22.99 -1.75
N SER B 132 5.29 -23.42 -0.85
CA SER B 132 4.10 -24.20 -1.20
C SER B 132 3.23 -23.54 -2.25
N GLU B 133 2.47 -22.50 -1.84
CA GLU B 133 1.62 -21.75 -2.75
C GLU B 133 2.36 -20.51 -3.25
N VAL B 134 2.66 -20.47 -4.55
CA VAL B 134 3.35 -19.34 -5.17
C VAL B 134 2.64 -19.11 -6.50
N HIS B 135 2.09 -17.93 -6.68
CA HIS B 135 1.34 -17.55 -7.87
C HIS B 135 1.94 -16.29 -8.46
N CYS B 136 2.09 -16.27 -9.78
CA CYS B 136 2.65 -15.14 -10.49
C CYS B 136 1.55 -14.21 -10.95
N ILE B 137 1.55 -12.96 -10.44
CA ILE B 137 0.55 -11.95 -10.78
C ILE B 137 0.80 -11.44 -12.19
N PHE B 138 0.09 -12.04 -13.14
CA PHE B 138 0.09 -11.71 -14.56
C PHE B 138 -1.21 -12.16 -15.18
N SER B 139 -1.82 -11.26 -15.94
CA SER B 139 -3.05 -11.47 -16.66
C SER B 139 -2.89 -10.75 -17.98
N PRO B 140 -2.79 -11.48 -19.12
CA PRO B 140 -2.60 -10.82 -20.43
C PRO B 140 -3.69 -9.81 -20.76
N GLN B 141 -3.29 -8.54 -20.91
CA GLN B 141 -4.18 -7.41 -21.18
C GLN B 141 -4.81 -7.52 -22.57
N ILE B 142 -6.07 -7.98 -22.63
CA ILE B 142 -6.81 -8.13 -23.88
C ILE B 142 -7.46 -6.79 -24.24
N GLU B 143 -8.10 -6.12 -23.24
CA GLU B 143 -8.81 -4.84 -23.35
C GLU B 143 -8.05 -3.76 -24.13
N GLU B 144 -6.79 -3.48 -23.73
CA GLU B 144 -5.91 -2.51 -24.37
C GLU B 144 -4.45 -3.01 -24.32
N PRO B 145 -4.00 -3.84 -25.30
CA PRO B 145 -2.63 -4.40 -25.23
C PRO B 145 -1.47 -3.39 -25.25
N SER B 146 -1.79 -2.09 -25.15
CA SER B 146 -0.86 -0.96 -25.09
C SER B 146 -0.38 -0.67 -23.64
N GLN B 147 -0.97 -1.37 -22.63
CA GLN B 147 -0.69 -1.20 -21.20
C GLN B 147 -0.22 -2.49 -20.47
N CYS B 148 0.43 -2.32 -19.27
CA CYS B 148 0.89 -3.42 -18.41
C CYS B 148 0.72 -3.13 -16.90
N PRO B 149 -0.43 -3.49 -16.30
CA PRO B 149 -0.60 -3.26 -14.86
C PRO B 149 0.10 -4.32 -14.01
N ASP B 150 0.51 -5.46 -14.60
CA ASP B 150 1.21 -6.52 -13.85
C ASP B 150 2.72 -6.26 -13.83
N CYS B 151 3.16 -5.20 -14.56
CA CYS B 151 4.53 -4.69 -14.70
C CYS B 151 4.60 -3.58 -13.67
N VAL B 152 4.95 -3.93 -12.45
CA VAL B 152 4.96 -2.98 -11.36
C VAL B 152 6.27 -2.17 -11.23
N VAL B 153 7.32 -2.89 -10.89
CA VAL B 153 8.64 -2.46 -10.50
C VAL B 153 9.66 -2.25 -11.62
N SER B 154 10.62 -1.32 -11.41
CA SER B 154 11.74 -1.05 -12.32
C SER B 154 12.99 -1.56 -11.64
N ALA B 155 13.94 -2.05 -12.43
CA ALA B 155 15.22 -2.56 -11.96
C ALA B 155 16.13 -1.40 -11.55
N LEU B 156 15.82 -0.18 -12.04
CA LEU B 156 16.59 1.02 -11.72
C LEU B 156 16.35 1.44 -10.28
N GLY B 157 15.09 1.65 -9.96
CA GLY B 157 14.67 2.01 -8.62
C GLY B 157 13.17 1.95 -8.52
N ALA B 158 12.68 1.42 -7.39
CA ALA B 158 11.24 1.31 -7.17
C ALA B 158 10.83 1.45 -5.72
N LYS B 159 9.71 2.17 -5.48
CA LYS B 159 9.11 2.36 -4.16
C LYS B 159 7.62 2.00 -4.22
N VAL B 160 7.26 0.93 -3.53
CA VAL B 160 5.91 0.36 -3.51
C VAL B 160 5.25 0.65 -2.14
N LEU B 161 3.98 1.11 -2.16
CA LEU B 161 3.22 1.37 -0.95
C LEU B 161 1.82 0.76 -1.03
N SER B 162 1.53 -0.22 -0.15
CA SER B 162 0.26 -0.93 -0.14
C SER B 162 -0.74 -0.30 0.81
N SER B 163 -1.95 -0.06 0.36
CA SER B 163 -2.97 0.50 1.23
C SER B 163 -4.35 -0.10 0.96
N VAL B 164 -5.02 -0.65 1.98
CA VAL B 164 -6.38 -1.11 1.76
C VAL B 164 -7.26 0.13 1.80
N LYS B 165 -8.06 0.33 0.74
CA LYS B 165 -8.87 1.52 0.56
C LYS B 165 -10.02 1.15 -0.38
N ASP B 166 -11.25 1.55 -0.02
CA ASP B 166 -12.52 1.28 -0.69
C ASP B 166 -12.76 -0.22 -0.92
N ARG B 167 -12.34 -1.04 0.05
CA ARG B 167 -12.41 -2.51 0.03
C ARG B 167 -11.44 -3.20 -0.95
N PHE B 168 -10.45 -2.46 -1.48
CA PHE B 168 -9.41 -2.99 -2.38
C PHE B 168 -8.00 -2.71 -1.86
N ILE B 169 -6.99 -3.52 -2.29
CA ILE B 169 -5.58 -3.35 -1.93
C ILE B 169 -4.89 -2.51 -3.04
N ASN B 170 -4.69 -1.22 -2.80
CA ASN B 170 -4.10 -0.29 -3.76
C ASN B 170 -2.60 -0.24 -3.57
N PHE B 171 -1.89 -0.12 -4.70
CA PHE B 171 -0.43 -0.09 -4.79
C PHE B 171 0.05 1.23 -5.37
N PHE B 172 0.69 2.08 -4.54
CA PHE B 172 1.27 3.33 -4.98
C PHE B 172 2.71 3.06 -5.36
N VAL B 173 3.07 3.36 -6.62
CA VAL B 173 4.39 3.01 -7.14
C VAL B 173 5.23 4.19 -7.61
N GLY B 174 6.51 4.16 -7.23
CA GLY B 174 7.50 5.13 -7.63
C GLY B 174 8.59 4.40 -8.39
N ASN B 175 8.68 4.65 -9.72
CA ASN B 175 9.67 4.02 -10.60
C ASN B 175 10.67 4.97 -11.24
N THR B 176 11.94 4.55 -11.25
CA THR B 176 13.06 5.22 -11.89
C THR B 176 13.13 4.63 -13.33
N ILE B 177 13.00 5.50 -14.34
CA ILE B 177 12.98 5.14 -15.76
C ILE B 177 14.27 5.62 -16.54
N ASN B 178 14.42 5.14 -17.79
CA ASN B 178 15.42 5.50 -18.80
C ASN B 178 14.74 5.39 -20.19
N SER B 179 15.42 5.80 -21.28
CA SER B 179 14.86 5.78 -22.64
C SER B 179 14.34 4.43 -23.11
N SER B 180 14.96 3.31 -22.63
CA SER B 180 14.58 1.92 -22.97
C SER B 180 13.08 1.76 -23.21
N TYR B 181 12.70 1.92 -24.48
CA TYR B 181 11.32 1.81 -24.95
C TYR B 181 10.94 0.33 -25.00
N PHE B 182 9.70 0.02 -24.59
CA PHE B 182 9.24 -1.36 -24.60
C PHE B 182 7.94 -1.61 -25.36
N PRO B 183 7.95 -2.61 -26.28
CA PRO B 183 6.72 -2.90 -27.04
C PRO B 183 5.72 -3.65 -26.17
N ASP B 184 4.55 -3.02 -25.92
CA ASP B 184 3.43 -3.54 -25.13
C ASP B 184 3.68 -3.70 -23.61
N HIS B 185 4.92 -3.48 -23.13
CA HIS B 185 5.27 -3.63 -21.71
C HIS B 185 6.00 -2.41 -21.11
N PRO B 186 5.37 -1.23 -20.93
CA PRO B 186 6.10 -0.08 -20.32
C PRO B 186 5.96 0.04 -18.79
N LEU B 187 6.78 0.92 -18.16
CA LEU B 187 6.73 1.20 -16.72
C LEU B 187 6.32 2.65 -16.50
N HIS B 188 5.72 2.94 -15.32
CA HIS B 188 5.23 4.27 -15.00
C HIS B 188 5.99 4.94 -13.88
N SER B 189 6.12 6.28 -13.97
CA SER B 189 6.86 7.06 -12.98
C SER B 189 6.17 7.05 -11.58
N ILE B 190 4.92 7.57 -11.46
CA ILE B 190 4.12 7.51 -10.23
C ILE B 190 2.75 6.94 -10.60
N SER B 191 2.37 5.79 -10.05
CA SER B 191 1.09 5.14 -10.41
C SER B 191 0.30 4.54 -9.25
N VAL B 192 -1.03 4.48 -9.37
CA VAL B 192 -1.91 3.84 -8.39
C VAL B 192 -2.74 2.72 -9.05
N ARG B 193 -2.43 1.48 -8.68
CA ARG B 193 -3.22 0.39 -9.24
C ARG B 193 -3.92 -0.48 -8.15
N ARG B 194 -5.17 -0.89 -8.39
CA ARG B 194 -5.82 -1.77 -7.44
C ARG B 194 -5.65 -3.23 -7.87
N LEU B 195 -5.34 -4.13 -6.95
CA LEU B 195 -5.21 -5.57 -7.22
C LEU B 195 -6.65 -6.16 -7.31
N LYS B 196 -6.93 -6.98 -8.36
CA LYS B 196 -8.26 -7.58 -8.58
C LYS B 196 -8.56 -8.61 -7.50
N GLU B 197 -9.85 -8.79 -7.12
CA GLU B 197 -10.20 -9.79 -6.09
C GLU B 197 -9.85 -11.24 -6.52
N THR B 198 -9.80 -11.46 -7.85
CA THR B 198 -9.39 -12.71 -8.47
C THR B 198 -7.88 -12.90 -8.27
N LYS B 199 -7.16 -11.88 -7.71
CA LYS B 199 -5.73 -11.85 -7.39
C LYS B 199 -4.79 -12.24 -8.55
N ASP B 200 -5.35 -12.26 -9.77
CA ASP B 200 -4.62 -12.66 -10.98
C ASP B 200 -3.94 -11.50 -11.70
N GLY B 201 -4.41 -10.29 -11.42
CA GLY B 201 -3.85 -9.07 -12.00
C GLY B 201 -4.21 -7.80 -11.25
N PHE B 202 -3.51 -6.70 -11.62
CA PHE B 202 -3.76 -5.36 -11.12
C PHE B 202 -4.52 -4.65 -12.19
N MET B 203 -4.82 -3.36 -11.97
CA MET B 203 -5.54 -2.54 -12.93
C MET B 203 -5.62 -1.08 -12.54
N PHE B 204 -5.39 -0.19 -13.53
CA PHE B 204 -5.48 1.25 -13.39
C PHE B 204 -6.92 1.58 -13.70
N LEU B 205 -7.56 2.36 -12.83
CA LEU B 205 -8.96 2.71 -12.99
C LEU B 205 -9.24 3.67 -14.10
N THR B 206 -8.43 4.73 -14.21
CA THR B 206 -8.52 5.76 -15.24
C THR B 206 -7.10 6.00 -15.77
N ASP B 207 -6.96 6.90 -16.76
CA ASP B 207 -5.65 7.24 -17.34
C ASP B 207 -4.91 8.17 -16.37
N GLN B 208 -5.67 8.83 -15.47
CA GLN B 208 -5.20 9.74 -14.41
C GLN B 208 -4.29 9.01 -13.41
N SER B 209 -4.58 7.73 -13.16
CA SER B 209 -3.87 6.81 -12.27
C SER B 209 -2.33 6.81 -12.37
N TYR B 210 -1.75 7.31 -13.48
CA TYR B 210 -0.29 7.43 -13.66
C TYR B 210 0.10 8.82 -14.16
N ILE B 211 1.35 9.22 -13.84
CA ILE B 211 2.01 10.49 -14.18
C ILE B 211 3.46 10.14 -14.52
N ASP B 212 3.78 10.18 -15.83
CA ASP B 212 5.11 9.83 -16.30
C ASP B 212 5.91 11.02 -16.79
N VAL B 213 7.23 10.85 -16.79
CA VAL B 213 8.22 11.79 -17.31
C VAL B 213 8.08 11.66 -18.82
N LEU B 214 8.09 12.80 -19.54
CA LEU B 214 8.00 12.80 -21.02
C LEU B 214 9.18 11.99 -21.65
N PRO B 215 8.93 11.23 -22.75
CA PRO B 215 10.01 10.41 -23.34
C PRO B 215 11.33 11.12 -23.71
N GLU B 216 11.27 12.45 -23.97
CA GLU B 216 12.41 13.32 -24.30
C GLU B 216 13.36 13.39 -23.11
N PHE B 217 12.76 13.52 -21.90
CA PHE B 217 13.43 13.67 -20.61
C PHE B 217 13.81 12.38 -19.87
N ARG B 218 13.31 11.19 -20.30
CA ARG B 218 13.58 9.91 -19.64
C ARG B 218 15.02 9.66 -19.15
N ASP B 219 16.04 10.17 -19.88
CA ASP B 219 17.45 10.02 -19.50
C ASP B 219 18.03 11.27 -18.82
N SER B 220 17.73 12.46 -19.39
CA SER B 220 18.17 13.77 -18.89
C SER B 220 17.72 14.01 -17.44
N TYR B 221 16.51 13.49 -17.10
CA TYR B 221 15.81 13.66 -15.84
C TYR B 221 15.60 12.34 -15.05
N PRO B 222 16.66 11.80 -14.37
CA PRO B 222 16.44 10.59 -13.54
C PRO B 222 15.80 10.97 -12.20
N ILE B 223 14.72 10.22 -11.79
CA ILE B 223 13.99 10.48 -10.54
C ILE B 223 14.14 9.31 -9.57
N LYS B 224 14.86 9.55 -8.43
CA LYS B 224 15.08 8.56 -7.37
C LYS B 224 14.03 8.72 -6.27
N TYR B 225 13.23 7.65 -6.02
CA TYR B 225 12.16 7.66 -5.03
C TYR B 225 12.71 7.09 -3.72
N VAL B 226 13.16 7.98 -2.83
CA VAL B 226 13.81 7.64 -1.55
C VAL B 226 12.93 6.94 -0.52
N HIS B 227 11.71 7.44 -0.32
CA HIS B 227 10.80 6.93 0.69
C HIS B 227 9.42 7.30 0.31
N ALA B 228 8.46 6.49 0.75
CA ALA B 228 7.03 6.72 0.55
C ALA B 228 6.32 6.39 1.84
N PHE B 229 5.24 7.14 2.14
CA PHE B 229 4.44 6.95 3.34
C PHE B 229 3.03 7.52 3.21
N GLU B 230 2.12 7.05 4.07
CA GLU B 230 0.74 7.48 4.10
C GLU B 230 0.50 8.18 5.45
N SER B 231 -0.11 9.36 5.43
CA SER B 231 -0.41 10.09 6.65
C SER B 231 -1.52 11.05 6.42
N ASN B 232 -2.45 11.09 7.38
CA ASN B 232 -3.58 12.02 7.45
C ASN B 232 -4.45 12.04 6.20
N ASN B 233 -4.73 10.86 5.64
CA ASN B 233 -5.55 10.73 4.43
C ASN B 233 -4.90 11.21 3.13
N PHE B 234 -3.58 11.14 3.08
CA PHE B 234 -2.78 11.54 1.95
C PHE B 234 -1.63 10.58 1.72
N ILE B 235 -1.22 10.42 0.45
CA ILE B 235 -0.03 9.63 0.13
C ILE B 235 1.12 10.61 -0.10
N TYR B 236 2.33 10.23 0.32
CA TYR B 236 3.49 11.09 0.21
C TYR B 236 4.66 10.33 -0.32
N PHE B 237 5.35 10.95 -1.28
CA PHE B 237 6.54 10.36 -1.88
C PHE B 237 7.68 11.31 -1.72
N LEU B 238 8.86 10.76 -1.44
CA LEU B 238 10.05 11.55 -1.24
C LEU B 238 11.07 11.26 -2.28
N THR B 239 11.33 12.26 -3.10
CA THR B 239 12.18 12.08 -4.25
C THR B 239 13.51 12.85 -4.34
N VAL B 240 14.42 12.37 -5.20
CA VAL B 240 15.70 13.00 -5.53
C VAL B 240 15.72 13.20 -7.05
N GLN B 241 15.46 14.44 -7.49
CA GLN B 241 15.42 14.78 -8.91
C GLN B 241 16.19 16.09 -9.20
N ARG B 242 16.19 16.60 -10.46
CA ARG B 242 16.86 17.87 -10.80
C ARG B 242 15.96 19.05 -10.32
N GLU B 243 16.55 20.25 -10.16
CA GLU B 243 15.81 21.43 -9.71
C GLU B 243 14.76 21.87 -10.75
N THR B 244 15.12 21.75 -12.05
CA THR B 244 14.36 22.06 -13.27
C THR B 244 14.91 21.17 -14.41
N LEU B 245 14.23 21.14 -15.59
CA LEU B 245 14.64 20.37 -16.79
C LEU B 245 16.04 20.82 -17.23
N ASP B 246 16.21 22.12 -17.51
CA ASP B 246 17.48 22.71 -17.94
C ASP B 246 18.54 22.80 -16.82
N ALA B 247 18.13 22.61 -15.54
CA ALA B 247 19.03 22.70 -14.37
C ALA B 247 20.08 21.61 -14.31
N GLN B 248 21.29 21.98 -13.87
CA GLN B 248 22.47 21.11 -13.77
C GLN B 248 22.63 20.45 -12.39
N THR B 249 21.89 20.97 -11.39
CA THR B 249 21.95 20.54 -9.99
C THR B 249 20.73 19.73 -9.48
N PHE B 250 20.94 18.95 -8.39
CA PHE B 250 19.96 18.05 -7.78
C PHE B 250 19.18 18.54 -6.52
N HIS B 251 17.94 18.07 -6.44
CA HIS B 251 16.84 18.41 -5.53
C HIS B 251 16.31 17.23 -4.74
N THR B 252 15.70 17.53 -3.59
CA THR B 252 14.91 16.61 -2.77
C THR B 252 13.50 17.21 -2.77
N ARG B 253 12.49 16.41 -3.15
CA ARG B 253 11.08 16.85 -3.21
C ARG B 253 10.12 16.02 -2.35
N ILE B 254 8.96 16.61 -2.02
CA ILE B 254 7.92 15.93 -1.27
C ILE B 254 6.64 15.91 -2.08
N ILE B 255 6.36 14.77 -2.70
CA ILE B 255 5.17 14.57 -3.52
C ILE B 255 4.00 14.25 -2.59
N ARG B 256 2.80 14.73 -2.92
CA ARG B 256 1.61 14.48 -2.11
C ARG B 256 0.37 14.45 -3.02
N PHE B 257 -0.56 13.51 -2.78
CA PHE B 257 -1.80 13.40 -3.55
C PHE B 257 -2.92 12.75 -2.74
N CYS B 258 -4.17 13.28 -2.89
CA CYS B 258 -5.40 12.80 -2.23
C CYS B 258 -5.50 11.28 -2.38
N SER B 259 -5.40 10.59 -1.23
CA SER B 259 -5.42 9.12 -1.08
C SER B 259 -6.73 8.48 -1.62
N ILE B 260 -6.81 8.36 -2.95
CA ILE B 260 -7.96 7.77 -3.60
C ILE B 260 -7.51 6.61 -4.47
N ASN B 261 -8.44 5.68 -4.72
CA ASN B 261 -8.32 4.46 -5.52
C ASN B 261 -8.33 4.75 -7.05
N SER B 262 -9.33 5.52 -7.53
CA SER B 262 -9.52 5.88 -8.95
C SER B 262 -8.36 6.59 -9.69
N GLY B 263 -7.50 7.28 -8.94
CA GLY B 263 -6.38 7.98 -9.55
C GLY B 263 -5.57 8.85 -8.62
N LEU B 264 -4.61 9.57 -9.19
CA LEU B 264 -3.74 10.46 -8.44
C LEU B 264 -4.41 11.84 -8.51
N HIS B 265 -5.17 12.22 -7.46
CA HIS B 265 -5.90 13.47 -7.42
C HIS B 265 -5.24 14.45 -6.48
N SER B 266 -5.38 15.78 -6.76
CA SER B 266 -4.76 16.90 -6.02
C SER B 266 -3.24 16.68 -5.90
N TYR B 267 -2.59 16.26 -7.01
CA TYR B 267 -1.15 16.00 -7.08
C TYR B 267 -0.38 17.32 -6.97
N MET B 268 0.72 17.28 -6.20
CA MET B 268 1.54 18.42 -5.87
C MET B 268 2.94 18.02 -5.50
N GLU B 269 3.93 18.77 -5.97
CA GLU B 269 5.29 18.51 -5.54
C GLU B 269 6.00 19.74 -5.09
N MET B 270 6.61 19.67 -3.89
CA MET B 270 7.32 20.79 -3.32
C MET B 270 8.73 20.37 -2.91
N PRO B 271 9.74 21.26 -3.13
CA PRO B 271 11.10 20.92 -2.70
C PRO B 271 11.27 21.05 -1.21
N LEU B 272 12.24 20.31 -0.67
CA LEU B 272 12.61 20.38 0.73
C LEU B 272 14.09 20.83 0.82
N GLU B 273 14.37 21.73 1.77
CA GLU B 273 15.69 22.31 1.98
C GLU B 273 16.20 21.99 3.38
N CYS B 274 17.40 21.39 3.48
CA CYS B 274 18.04 21.17 4.78
C CYS B 274 19.31 22.01 4.80
N ILE B 275 19.16 23.22 5.38
CA ILE B 275 20.23 24.20 5.52
C ILE B 275 20.96 24.07 6.85
N LEU B 276 22.12 24.71 6.96
CA LEU B 276 22.94 24.77 8.16
C LEU B 276 23.36 26.24 8.38
N THR B 277 22.63 26.98 9.24
CA THR B 277 22.91 28.40 9.51
C THR B 277 24.15 28.53 10.39
N LYS B 287 24.57 30.03 3.65
CA LYS B 287 23.47 29.13 3.98
C LYS B 287 23.66 27.83 3.20
N GLU B 288 24.58 26.96 3.70
CA GLU B 288 24.97 25.68 3.07
C GLU B 288 23.85 24.63 3.03
N VAL B 289 23.62 24.03 1.82
CA VAL B 289 22.55 23.03 1.56
C VAL B 289 23.01 21.57 1.35
N PHE B 290 22.34 20.65 2.07
CA PHE B 290 22.49 19.19 2.01
C PHE B 290 21.25 18.80 1.21
N ASN B 291 21.41 18.89 -0.11
CA ASN B 291 20.38 18.75 -1.14
C ASN B 291 19.88 17.33 -1.45
N ILE B 292 20.59 16.26 -0.99
CA ILE B 292 20.21 14.89 -1.30
C ILE B 292 19.85 13.97 -0.11
N LEU B 293 18.53 13.70 0.03
CA LEU B 293 17.95 12.81 1.04
C LEU B 293 18.54 11.43 0.86
N GLN B 294 19.17 10.91 1.90
CA GLN B 294 19.83 9.59 1.92
C GLN B 294 18.95 8.51 2.51
N ALA B 295 18.05 8.94 3.43
CA ALA B 295 17.12 8.14 4.22
C ALA B 295 16.07 9.08 4.86
N ALA B 296 14.90 8.54 5.24
CA ALA B 296 13.78 9.25 5.86
C ALA B 296 12.99 8.31 6.74
N TYR B 297 12.44 8.83 7.83
CA TYR B 297 11.67 8.02 8.77
C TYR B 297 10.57 8.85 9.29
N VAL B 298 9.37 8.29 9.37
CA VAL B 298 8.22 9.03 9.90
C VAL B 298 7.81 8.42 11.22
N SER B 299 7.89 9.23 12.29
CA SER B 299 7.50 8.80 13.63
C SER B 299 6.99 9.95 14.44
N LYS B 300 6.47 9.63 15.64
CA LYS B 300 5.98 10.61 16.58
C LYS B 300 7.16 11.21 17.40
N PRO B 301 7.04 12.45 17.98
CA PRO B 301 8.20 13.03 18.70
C PRO B 301 8.14 12.86 20.22
N GLY B 302 9.28 12.73 20.86
CA GLY B 302 9.32 12.70 22.32
C GLY B 302 9.04 14.11 22.81
N ALA B 303 8.46 14.24 24.04
CA ALA B 303 8.06 15.53 24.65
C ALA B 303 9.01 16.75 24.53
N GLN B 304 10.31 16.56 24.82
CA GLN B 304 11.34 17.60 24.76
C GLN B 304 11.50 18.21 23.35
N LEU B 305 11.68 17.37 22.33
CA LEU B 305 11.87 17.83 20.95
C LEU B 305 10.54 18.36 20.43
N ALA B 306 9.40 17.71 20.80
CA ALA B 306 8.06 18.11 20.36
C ALA B 306 7.92 19.61 20.60
N ARG B 307 8.20 20.04 21.85
CA ARG B 307 8.22 21.41 22.34
C ARG B 307 9.04 22.35 21.43
N GLN B 308 10.27 21.93 21.01
CA GLN B 308 11.23 22.69 20.17
C GLN B 308 10.91 22.76 18.67
N ILE B 309 9.99 21.92 18.17
CA ILE B 309 9.65 21.90 16.74
C ILE B 309 8.22 22.35 16.54
N GLY B 310 7.55 22.62 17.66
CA GLY B 310 6.18 23.08 17.71
C GLY B 310 5.21 22.01 17.26
N ALA B 311 5.30 20.84 17.90
CA ALA B 311 4.47 19.70 17.60
C ALA B 311 3.90 19.05 18.86
N SER B 312 2.72 18.42 18.74
CA SER B 312 2.08 17.62 19.79
C SER B 312 2.80 16.24 19.85
N LEU B 313 2.63 15.51 20.95
CA LEU B 313 3.21 14.17 21.14
C LEU B 313 2.64 13.20 20.11
N ASN B 314 1.50 13.58 19.49
CA ASN B 314 0.75 12.78 18.53
C ASN B 314 0.81 13.26 17.07
N ASP B 315 1.82 14.09 16.75
CA ASP B 315 2.01 14.62 15.41
C ASP B 315 3.02 13.79 14.63
N ASP B 316 2.59 13.26 13.48
CA ASP B 316 3.47 12.54 12.56
C ASP B 316 4.60 13.51 12.12
N ILE B 317 5.86 13.06 12.21
CA ILE B 317 7.02 13.89 11.87
C ILE B 317 7.94 13.17 10.91
N LEU B 318 8.27 13.85 9.81
CA LEU B 318 9.18 13.32 8.82
C LEU B 318 10.58 13.74 9.21
N PHE B 319 11.37 12.78 9.68
CA PHE B 319 12.77 13.01 9.98
C PHE B 319 13.50 12.55 8.74
N GLY B 320 14.37 13.41 8.22
CA GLY B 320 15.14 13.11 7.02
C GLY B 320 16.61 13.39 7.16
N VAL B 321 17.43 12.41 6.79
CA VAL B 321 18.88 12.51 6.80
C VAL B 321 19.30 12.93 5.38
N PHE B 322 19.92 14.12 5.28
CA PHE B 322 20.33 14.71 4.00
C PHE B 322 21.87 14.75 3.83
N ALA B 323 22.34 14.88 2.57
CA ALA B 323 23.76 14.95 2.20
C ALA B 323 24.05 16.05 1.14
N GLN B 324 25.29 16.59 1.13
CA GLN B 324 25.76 17.61 0.19
C GLN B 324 26.12 16.92 -1.14
N SER B 325 25.69 17.49 -2.25
CA SER B 325 26.03 16.85 -3.51
C SER B 325 27.24 17.50 -4.12
N LYS B 326 28.09 16.66 -4.76
CA LYS B 326 29.29 17.04 -5.51
C LYS B 326 28.81 18.11 -6.54
N PRO B 327 29.47 19.29 -6.66
CA PRO B 327 28.94 20.35 -7.54
C PRO B 327 28.33 19.93 -8.88
N ASP B 328 27.02 20.23 -9.02
CA ASP B 328 26.18 19.91 -10.18
C ASP B 328 26.10 18.42 -10.56
N SER B 329 26.13 17.56 -9.51
CA SER B 329 26.00 16.10 -9.56
C SER B 329 24.91 15.65 -8.56
N ALA B 330 24.72 14.33 -8.45
CA ALA B 330 23.74 13.69 -7.59
C ALA B 330 24.37 12.81 -6.52
N GLU B 331 25.66 12.48 -6.66
CA GLU B 331 26.35 11.61 -5.70
C GLU B 331 26.67 12.32 -4.36
N PRO B 332 26.40 11.64 -3.21
CA PRO B 332 26.66 12.28 -1.90
C PRO B 332 28.14 12.58 -1.60
N MET B 333 28.37 13.57 -0.75
CA MET B 333 29.69 14.08 -0.40
C MET B 333 30.33 13.71 0.94
N ASP B 334 29.71 12.86 1.77
CA ASP B 334 30.26 12.52 3.11
C ASP B 334 30.09 13.73 4.06
N ARG B 335 29.18 14.65 3.71
CA ARG B 335 28.83 15.81 4.51
C ARG B 335 27.34 15.67 4.76
N SER B 336 26.96 15.12 5.93
CA SER B 336 25.54 14.91 6.24
C SER B 336 24.92 15.89 7.24
N ALA B 337 23.58 15.84 7.37
CA ALA B 337 22.73 16.68 8.23
C ALA B 337 21.44 15.91 8.51
N MET B 338 20.49 16.50 9.27
CA MET B 338 19.21 15.87 9.58
C MET B 338 18.15 16.85 10.00
N CYS B 339 17.10 17.00 9.21
CA CYS B 339 16.08 17.91 9.67
C CYS B 339 14.66 17.36 9.72
N ALA B 340 13.86 17.86 10.68
CA ALA B 340 12.52 17.36 10.94
C ALA B 340 11.42 18.17 10.36
N PHE B 341 10.58 17.51 9.60
CA PHE B 341 9.44 18.13 8.96
C PHE B 341 8.10 17.63 9.56
N PRO B 342 7.49 18.36 10.54
CA PRO B 342 6.18 17.94 11.07
C PRO B 342 5.16 18.03 9.93
N ILE B 343 4.53 16.89 9.57
CA ILE B 343 3.62 16.83 8.43
C ILE B 343 2.47 17.85 8.48
N LYS B 344 2.02 18.25 9.70
CA LYS B 344 1.01 19.31 9.82
C LYS B 344 1.54 20.57 9.12
N TYR B 345 2.82 20.92 9.36
CA TYR B 345 3.47 22.05 8.75
C TYR B 345 3.68 21.87 7.25
N VAL B 346 4.06 20.65 6.81
CA VAL B 346 4.24 20.25 5.39
C VAL B 346 2.92 20.46 4.66
N ASN B 347 1.79 20.07 5.30
CA ASN B 347 0.43 20.21 4.77
C ASN B 347 0.00 21.67 4.68
N ASP B 348 0.31 22.48 5.72
CA ASP B 348 0.05 23.92 5.76
C ASP B 348 0.68 24.62 4.55
N PHE B 349 1.89 24.20 4.13
CA PHE B 349 2.58 24.74 2.97
C PHE B 349 1.78 24.46 1.68
N PHE B 350 1.24 23.22 1.51
CA PHE B 350 0.45 22.82 0.35
C PHE B 350 -0.90 23.52 0.29
N ASN B 351 -1.49 23.85 1.46
CA ASN B 351 -2.77 24.53 1.56
C ASN B 351 -2.61 26.09 1.60
N LYS B 352 -1.51 26.61 1.02
CA LYS B 352 -1.23 28.06 0.95
C LYS B 352 -1.02 28.54 -0.50
N ILE B 353 -1.65 29.69 -0.86
CA ILE B 353 -1.58 30.28 -2.20
C ILE B 353 -0.51 31.39 -2.29
N ASN B 358 3.77 32.29 -8.10
CA ASN B 358 2.88 31.66 -7.12
C ASN B 358 3.06 30.12 -7.13
N VAL B 359 2.62 29.47 -8.23
CA VAL B 359 2.65 28.02 -8.48
C VAL B 359 2.89 27.74 -9.98
N ARG B 360 3.73 26.73 -10.30
CA ARG B 360 4.09 26.29 -11.66
C ARG B 360 3.30 25.04 -12.09
N CYS B 361 3.52 24.57 -13.32
CA CYS B 361 2.93 23.34 -13.85
C CYS B 361 4.02 22.28 -13.72
N LEU B 362 3.64 21.00 -13.64
CA LEU B 362 4.63 19.93 -13.54
C LEU B 362 5.40 19.78 -14.88
N GLN B 363 6.53 20.47 -14.97
CA GLN B 363 7.37 20.58 -16.15
C GLN B 363 7.93 19.30 -16.77
N HIS B 364 8.11 18.21 -16.00
CA HIS B 364 8.65 16.95 -16.53
C HIS B 364 7.57 16.01 -17.06
N PHE B 365 6.32 16.25 -16.67
CA PHE B 365 5.16 15.46 -17.07
C PHE B 365 4.44 16.20 -18.20
N TYR B 366 4.02 17.47 -17.95
CA TYR B 366 3.39 18.34 -18.95
C TYR B 366 4.54 18.87 -19.82
N GLY B 367 4.21 19.59 -20.88
CA GLY B 367 5.23 20.23 -21.68
C GLY B 367 5.61 21.57 -21.05
N PRO B 368 6.93 21.87 -20.82
CA PRO B 368 7.31 23.17 -20.22
C PRO B 368 6.73 24.41 -20.91
N ASN B 369 6.25 24.24 -22.17
CA ASN B 369 5.69 25.29 -23.04
C ASN B 369 4.17 25.18 -23.28
N HIS B 370 3.56 23.99 -23.04
CA HIS B 370 2.13 23.74 -23.30
C HIS B 370 1.09 24.64 -22.63
N GLU B 371 -0.07 24.83 -23.32
CA GLU B 371 -1.23 25.68 -22.95
C GLU B 371 -1.81 25.45 -21.56
N HIS B 372 -1.69 24.21 -21.03
CA HIS B 372 -2.15 23.81 -19.70
C HIS B 372 -1.49 24.68 -18.62
N CYS B 373 -0.14 24.85 -18.71
CA CYS B 373 0.73 25.63 -17.80
C CYS B 373 0.24 27.08 -17.59
N PHE B 374 -0.56 27.61 -18.54
CA PHE B 374 -1.08 28.98 -18.53
C PHE B 374 -2.61 29.00 -18.62
N ASN B 375 -3.29 29.00 -17.44
CA ASN B 375 -4.75 29.01 -17.29
C ASN B 375 -5.16 29.66 -15.96
N ARG B 376 -5.96 28.94 -15.12
CA ARG B 376 -6.48 29.34 -13.80
C ARG B 376 -7.22 30.68 -13.80
N ASP B 390 -7.06 17.90 -8.47
CA ASP B 390 -7.69 16.81 -9.20
C ASP B 390 -7.12 16.71 -10.62
N GLU B 391 -7.60 17.58 -11.55
CA GLU B 391 -7.30 17.67 -12.99
C GLU B 391 -5.84 18.00 -13.34
N TYR B 392 -5.24 18.97 -12.61
CA TYR B 392 -3.89 19.45 -12.85
C TYR B 392 -2.81 18.91 -11.91
N ARG B 393 -1.53 19.06 -12.33
CA ARG B 393 -0.35 18.61 -11.61
C ARG B 393 0.61 19.76 -11.28
N THR B 394 0.51 20.25 -10.04
CA THR B 394 1.24 21.36 -9.45
C THR B 394 2.71 21.04 -9.09
N GLU B 395 3.59 22.00 -9.35
CA GLU B 395 5.01 22.02 -8.99
C GLU B 395 5.15 23.30 -8.18
N PHE B 396 5.77 23.22 -6.98
CA PHE B 396 5.94 24.38 -6.12
C PHE B 396 7.18 25.17 -6.36
N THR B 397 7.00 26.49 -6.46
CA THR B 397 7.99 27.54 -6.73
C THR B 397 9.08 27.59 -5.63
N THR B 398 8.68 27.84 -4.37
CA THR B 398 9.60 27.89 -3.23
C THR B 398 9.69 26.53 -2.52
N ALA B 399 10.63 26.41 -1.57
CA ALA B 399 10.88 25.20 -0.79
C ALA B 399 10.45 25.38 0.68
N LEU B 400 10.47 24.26 1.43
CA LEU B 400 10.23 24.24 2.86
C LEU B 400 11.63 24.02 3.46
N GLN B 401 12.12 24.99 4.24
CA GLN B 401 13.45 24.91 4.85
C GLN B 401 13.42 24.62 6.32
N ARG B 402 14.41 23.86 6.78
CA ARG B 402 14.63 23.45 8.16
C ARG B 402 16.13 23.36 8.42
N VAL B 403 16.55 23.71 9.64
CA VAL B 403 17.95 23.70 10.05
C VAL B 403 18.33 22.34 10.62
N ASP B 404 19.57 21.88 10.33
CA ASP B 404 20.09 20.60 10.85
C ASP B 404 19.97 20.60 12.37
N LEU B 405 19.18 19.65 12.88
CA LEU B 405 18.93 19.43 14.31
C LEU B 405 20.22 19.05 15.03
N PHE B 406 21.16 18.44 14.31
CA PHE B 406 22.45 18.07 14.89
C PHE B 406 23.51 19.18 14.81
N MET B 407 23.14 20.36 14.23
CA MET B 407 23.96 21.57 14.10
C MET B 407 25.34 21.34 13.45
N GLY B 408 25.38 20.51 12.42
CA GLY B 408 26.62 20.20 11.73
C GLY B 408 27.47 19.11 12.34
N GLN B 409 26.98 18.40 13.39
CA GLN B 409 27.72 17.31 14.02
C GLN B 409 28.08 16.17 13.03
N PHE B 410 27.31 16.06 11.91
CA PHE B 410 27.52 15.01 10.92
C PHE B 410 27.99 15.51 9.54
N SER B 411 28.45 16.78 9.48
CA SER B 411 28.97 17.45 8.28
C SER B 411 30.29 16.86 7.75
N GLU B 412 30.84 15.82 8.42
CA GLU B 412 32.07 15.15 8.03
C GLU B 412 31.96 13.59 7.97
N VAL B 413 30.71 13.06 7.88
CA VAL B 413 30.35 11.63 7.75
C VAL B 413 29.22 11.49 6.73
N LEU B 414 28.99 10.27 6.18
CA LEU B 414 27.85 10.03 5.28
C LEU B 414 26.81 9.17 5.96
N LEU B 415 25.72 9.83 6.41
CA LEU B 415 24.60 9.17 7.07
C LEU B 415 23.71 8.55 6.00
N THR B 416 23.49 7.23 6.09
CA THR B 416 22.67 6.51 5.11
C THR B 416 21.42 5.84 5.64
N SER B 417 21.26 5.77 6.96
CA SER B 417 20.08 5.16 7.55
C SER B 417 19.61 5.95 8.75
N ILE B 418 18.29 6.00 8.94
CA ILE B 418 17.63 6.71 10.03
C ILE B 418 16.43 5.91 10.47
N SER B 419 16.22 5.88 11.77
CA SER B 419 15.10 5.29 12.48
C SER B 419 15.04 6.03 13.83
N THR B 420 13.86 6.54 14.15
CA THR B 420 13.67 7.30 15.37
C THR B 420 12.77 6.58 16.35
N PHE B 421 13.00 6.82 17.65
CA PHE B 421 12.17 6.24 18.71
C PHE B 421 12.07 7.17 19.95
N ILE B 422 11.07 6.92 20.82
CA ILE B 422 10.88 7.71 22.05
C ILE B 422 11.31 6.94 23.33
N LYS B 423 12.16 7.58 24.15
CA LYS B 423 12.58 7.03 25.45
C LYS B 423 12.28 8.04 26.53
N GLY B 424 11.21 7.78 27.27
CA GLY B 424 10.73 8.67 28.32
C GLY B 424 10.23 9.95 27.70
N ASP B 425 11.01 11.01 27.85
CA ASP B 425 10.72 12.31 27.26
C ASP B 425 11.69 12.61 26.10
N LEU B 426 12.61 11.66 25.86
CA LEU B 426 13.65 11.76 24.84
C LEU B 426 13.26 11.21 23.46
N THR B 427 13.93 11.75 22.44
CA THR B 427 13.79 11.30 21.07
C THR B 427 15.20 10.88 20.66
N ILE B 428 15.43 9.56 20.57
CA ILE B 428 16.71 8.98 20.16
C ILE B 428 16.63 8.61 18.68
N ALA B 429 17.71 8.90 17.94
CA ALA B 429 17.86 8.62 16.51
C ALA B 429 18.88 7.50 16.30
N ASN B 430 18.50 6.45 15.53
CA ASN B 430 19.38 5.35 15.15
C ASN B 430 19.95 5.72 13.80
N LEU B 431 21.27 5.79 13.70
CA LEU B 431 21.93 6.26 12.50
C LEU B 431 22.98 5.33 11.98
N GLY B 432 22.97 5.13 10.68
CA GLY B 432 23.92 4.31 9.96
C GLY B 432 24.80 5.18 9.09
N THR B 433 26.08 4.77 8.98
CA THR B 433 27.13 5.44 8.21
C THR B 433 27.37 4.70 6.88
N SER B 434 27.97 5.41 5.90
CA SER B 434 28.42 4.82 4.65
C SER B 434 29.64 3.94 4.97
N GLU B 435 30.26 4.14 6.13
CA GLU B 435 31.41 3.37 6.58
C GLU B 435 31.01 2.08 7.33
N GLY B 436 29.72 1.93 7.63
CA GLY B 436 29.22 0.76 8.32
C GLY B 436 29.20 0.90 9.83
N ARG B 437 29.13 2.17 10.31
CA ARG B 437 29.03 2.52 11.73
C ARG B 437 27.57 2.76 12.09
N PHE B 438 27.15 2.21 13.22
CA PHE B 438 25.80 2.41 13.71
C PHE B 438 25.85 3.23 14.98
N MET B 439 25.08 4.31 15.02
CA MET B 439 25.06 5.14 16.22
C MET B 439 23.69 5.60 16.70
N GLN B 440 23.49 5.60 18.03
CA GLN B 440 22.30 6.10 18.68
C GLN B 440 22.66 7.47 19.31
N VAL B 441 21.86 8.51 19.04
CA VAL B 441 22.08 9.88 19.53
C VAL B 441 20.75 10.59 19.85
N VAL B 442 20.75 11.38 20.94
CA VAL B 442 19.58 12.14 21.40
C VAL B 442 19.32 13.34 20.47
N VAL B 443 18.13 13.40 19.84
CA VAL B 443 17.71 14.50 18.96
C VAL B 443 17.13 15.61 19.82
N SER B 444 17.87 16.73 19.88
CA SER B 444 17.52 17.95 20.61
C SER B 444 18.21 19.17 19.95
N ARG B 445 17.54 20.32 20.03
CA ARG B 445 18.04 21.57 19.48
C ARG B 445 18.65 22.38 20.61
N SER B 446 18.16 22.11 21.84
CA SER B 446 18.59 22.67 23.12
C SER B 446 19.96 22.05 23.43
N GLY B 447 20.98 22.51 22.69
CA GLY B 447 22.36 22.04 22.81
C GLY B 447 22.65 20.75 22.06
N PRO B 448 23.78 20.68 21.30
CA PRO B 448 24.11 19.42 20.57
C PRO B 448 24.41 18.24 21.47
N SER B 449 24.13 17.03 20.97
CA SER B 449 24.35 15.78 21.68
C SER B 449 25.30 14.85 20.97
N THR B 450 26.24 14.29 21.75
CA THR B 450 27.22 13.32 21.26
C THR B 450 26.51 11.97 21.28
N PRO B 451 26.77 11.06 20.31
CA PRO B 451 26.12 9.74 20.35
C PRO B 451 26.52 8.91 21.57
N HIS B 452 25.55 8.22 22.19
CA HIS B 452 25.79 7.37 23.35
C HIS B 452 26.11 5.91 22.95
N VAL B 453 25.94 5.60 21.66
CA VAL B 453 26.26 4.33 21.04
C VAL B 453 26.98 4.71 19.74
N ASN B 454 28.13 4.08 19.46
CA ASN B 454 28.96 4.32 18.27
C ASN B 454 29.94 3.19 18.13
N PHE B 455 29.82 2.40 17.05
CA PHE B 455 30.65 1.24 16.78
C PHE B 455 30.48 0.78 15.35
N LEU B 456 31.49 0.04 14.81
CA LEU B 456 31.44 -0.51 13.46
C LEU B 456 30.55 -1.74 13.50
N LEU B 457 29.51 -1.75 12.66
CA LEU B 457 28.57 -2.85 12.54
C LEU B 457 29.12 -3.90 11.55
N ASP B 458 29.71 -3.40 10.45
CA ASP B 458 30.31 -4.13 9.34
C ASP B 458 31.19 -3.12 8.56
N SER B 459 31.81 -3.56 7.44
CA SER B 459 32.65 -2.71 6.57
C SER B 459 31.81 -2.03 5.46
N HIS B 460 30.77 -2.75 4.98
CA HIS B 460 29.82 -2.36 3.94
C HIS B 460 28.90 -1.23 4.47
N PRO B 461 28.48 -0.22 3.64
CA PRO B 461 27.54 0.83 4.12
C PRO B 461 26.22 0.33 4.77
N VAL B 462 25.56 1.21 5.52
CA VAL B 462 24.29 0.87 6.18
C VAL B 462 23.10 1.12 5.22
N SER B 463 22.18 0.14 5.14
CA SER B 463 21.01 0.20 4.28
C SER B 463 19.96 1.17 4.83
N PRO B 464 19.37 2.05 3.97
CA PRO B 464 18.27 2.93 4.46
C PRO B 464 17.07 2.14 4.98
N GLU B 465 16.78 0.99 4.35
CA GLU B 465 15.67 0.11 4.71
C GLU B 465 15.93 -0.46 6.09
N VAL B 466 15.14 -0.01 7.08
CA VAL B 466 15.23 -0.41 8.50
C VAL B 466 13.93 -1.00 9.02
N ILE B 467 13.99 -1.58 10.23
CA ILE B 467 12.80 -2.08 10.94
C ILE B 467 12.91 -1.72 12.41
N VAL B 468 11.86 -1.15 13.00
CA VAL B 468 11.84 -0.84 14.41
C VAL B 468 10.69 -1.61 15.01
N GLU B 469 10.97 -2.52 15.94
CA GLU B 469 9.89 -3.25 16.60
C GLU B 469 9.74 -2.75 18.00
N HIS B 470 8.51 -2.54 18.46
CA HIS B 470 8.31 -2.01 19.78
C HIS B 470 7.70 -3.02 20.72
N THR B 471 8.21 -3.03 21.96
CA THR B 471 7.73 -3.91 23.04
C THR B 471 7.34 -3.03 24.22
N LEU B 472 6.54 -3.59 25.16
CA LEU B 472 6.07 -2.94 26.37
C LEU B 472 7.16 -2.17 27.11
N ASN B 473 6.81 -0.93 27.55
CA ASN B 473 7.66 0.02 28.25
C ASN B 473 8.88 0.53 27.43
N GLN B 474 8.60 1.00 26.20
CA GLN B 474 9.51 1.61 25.23
C GLN B 474 10.79 0.83 24.79
N ASN B 475 10.87 -0.51 25.06
CA ASN B 475 12.08 -1.28 24.70
C ASN B 475 11.96 -2.43 23.66
N GLY B 476 12.20 -2.10 22.39
CA GLY B 476 12.21 -3.09 21.31
C GLY B 476 13.58 -3.30 20.70
N TYR B 477 13.66 -3.28 19.36
CA TYR B 477 14.89 -3.44 18.57
C TYR B 477 14.76 -2.85 17.17
N THR B 478 15.89 -2.69 16.48
CA THR B 478 15.98 -2.23 15.09
C THR B 478 16.56 -3.39 14.28
N LEU B 479 16.32 -3.38 12.99
CA LEU B 479 16.88 -4.37 12.10
C LEU B 479 17.73 -3.62 11.09
N VAL B 480 19.04 -3.81 11.22
CA VAL B 480 19.98 -3.06 10.41
C VAL B 480 20.73 -3.93 9.41
N ILE B 481 20.54 -3.60 8.13
CA ILE B 481 21.17 -4.28 7.00
C ILE B 481 22.48 -3.60 6.63
N THR B 482 23.53 -4.42 6.48
CA THR B 482 24.88 -4.04 6.06
C THR B 482 25.35 -5.11 5.08
N GLY B 483 24.99 -4.93 3.81
CA GLY B 483 25.34 -5.85 2.73
C GLY B 483 24.56 -7.14 2.77
N LYS B 484 25.20 -8.20 3.26
CA LYS B 484 24.55 -9.49 3.39
C LYS B 484 24.33 -9.87 4.84
N LYS B 485 24.57 -8.90 5.74
CA LYS B 485 24.31 -9.12 7.14
C LYS B 485 23.16 -8.23 7.61
N ILE B 486 22.24 -8.84 8.35
CA ILE B 486 21.15 -8.17 9.03
C ILE B 486 21.47 -8.37 10.52
N THR B 487 21.41 -7.28 11.30
CA THR B 487 21.71 -7.30 12.73
C THR B 487 20.48 -6.84 13.51
N LYS B 488 20.21 -7.48 14.66
CA LYS B 488 19.10 -7.15 15.57
C LYS B 488 19.70 -6.34 16.75
N ILE B 489 19.61 -4.98 16.68
CA ILE B 489 20.15 -4.05 17.69
C ILE B 489 19.05 -3.62 18.67
N PRO B 490 19.21 -3.78 20.01
CA PRO B 490 18.14 -3.33 20.93
C PRO B 490 18.13 -1.82 21.00
N LEU B 491 16.96 -1.24 21.26
CA LEU B 491 16.79 0.22 21.31
C LEU B 491 17.51 0.86 22.50
N ASN B 492 17.39 0.26 23.69
CA ASN B 492 18.06 0.78 24.87
C ASN B 492 18.87 -0.26 25.64
N GLY B 493 20.18 -0.01 25.73
CA GLY B 493 21.11 -0.89 26.42
C GLY B 493 22.51 -0.88 25.87
N LEU B 494 22.66 -0.64 24.55
CA LEU B 494 23.97 -0.61 23.90
C LEU B 494 24.94 0.44 24.44
N GLY B 495 24.39 1.53 24.97
CA GLY B 495 25.16 2.61 25.56
C GLY B 495 25.94 2.13 26.75
N CYS B 496 25.34 1.22 27.51
CA CYS B 496 25.93 0.64 28.70
C CYS B 496 27.11 -0.33 28.48
N ARG B 497 27.10 -1.08 27.38
CA ARG B 497 28.15 -2.06 27.09
C ARG B 497 29.48 -1.43 26.67
N HIS B 498 29.49 -0.10 26.46
CA HIS B 498 30.68 0.66 26.08
C HIS B 498 31.66 0.93 27.29
N PHE B 499 31.24 0.53 28.52
CA PHE B 499 32.01 0.69 29.76
C PHE B 499 32.55 -0.65 30.29
N GLN B 500 33.89 -0.82 30.25
CA GLN B 500 34.58 -2.02 30.66
C GLN B 500 34.73 -2.20 32.17
N SER B 501 34.92 -1.10 32.92
CA SER B 501 35.13 -1.14 34.37
C SER B 501 34.00 -0.48 35.14
N CYS B 502 33.76 -0.96 36.36
CA CYS B 502 32.73 -0.44 37.25
C CYS B 502 32.90 1.06 37.46
N SER B 503 34.13 1.53 37.67
CA SER B 503 34.37 2.94 37.86
C SER B 503 33.95 3.78 36.64
N GLN B 504 34.23 3.29 35.41
CA GLN B 504 33.89 3.94 34.14
C GLN B 504 32.37 4.00 34.02
N CYS B 505 31.74 2.85 34.30
CA CYS B 505 30.31 2.62 34.29
C CYS B 505 29.58 3.54 35.27
N LEU B 506 30.12 3.68 36.49
CA LEU B 506 29.51 4.49 37.53
C LEU B 506 29.44 5.98 37.20
N SER B 507 30.26 6.45 36.23
CA SER B 507 30.30 7.85 35.82
C SER B 507 29.81 8.04 34.35
N ALA B 508 28.79 7.23 33.99
CA ALA B 508 28.16 7.26 32.68
C ALA B 508 27.15 8.38 32.67
N PRO B 509 26.82 8.98 31.49
CA PRO B 509 25.75 10.01 31.47
C PRO B 509 24.41 9.44 32.00
N PRO B 510 23.83 10.10 33.04
CA PRO B 510 22.62 9.56 33.69
C PRO B 510 21.45 9.02 32.84
N PHE B 511 21.20 9.64 31.67
CA PHE B 511 20.11 9.24 30.78
C PHE B 511 20.17 7.82 30.25
N VAL B 512 21.39 7.28 30.01
CA VAL B 512 21.63 5.91 29.53
C VAL B 512 21.20 4.88 30.60
N GLN B 513 21.11 5.35 31.87
CA GLN B 513 20.73 4.58 33.04
C GLN B 513 21.55 3.29 33.17
N CYS B 514 22.88 3.46 33.39
CA CYS B 514 23.90 2.42 33.50
C CYS B 514 24.29 2.13 34.91
N GLY B 515 24.37 0.84 35.19
CA GLY B 515 24.80 0.37 36.50
C GLY B 515 25.64 -0.87 36.39
N TRP B 516 26.40 -1.16 37.45
CA TRP B 516 27.23 -2.34 37.48
C TRP B 516 26.44 -3.49 38.05
N CYS B 517 26.57 -4.65 37.40
CA CYS B 517 25.92 -5.90 37.76
C CYS B 517 26.98 -6.98 37.81
N HIS B 518 27.66 -7.07 38.97
CA HIS B 518 28.76 -8.00 39.27
C HIS B 518 30.00 -7.90 38.36
N ASP B 519 29.84 -8.12 37.04
CA ASP B 519 30.94 -8.09 36.09
C ASP B 519 30.59 -7.40 34.77
N LYS B 520 29.44 -6.71 34.71
CA LYS B 520 29.00 -6.02 33.49
C LYS B 520 28.22 -4.72 33.70
N CYS B 521 28.36 -3.76 32.77
CA CYS B 521 27.65 -2.48 32.81
C CYS B 521 26.43 -2.54 31.89
N VAL B 522 25.23 -2.61 32.51
CA VAL B 522 23.93 -2.78 31.85
C VAL B 522 22.81 -2.03 32.57
N ARG B 523 21.66 -1.87 31.89
CA ARG B 523 20.43 -1.27 32.41
C ARG B 523 19.86 -2.13 33.57
N SER B 524 19.14 -1.50 34.52
CA SER B 524 18.49 -2.16 35.67
C SER B 524 17.85 -3.52 35.31
N GLU B 525 16.88 -3.52 34.38
CA GLU B 525 16.16 -4.69 33.86
C GLU B 525 17.07 -5.79 33.27
N GLU B 526 18.19 -5.41 32.62
CA GLU B 526 19.14 -6.37 32.05
C GLU B 526 19.93 -7.12 33.17
N CYS B 527 19.95 -6.55 34.41
CA CYS B 527 20.63 -7.14 35.58
C CYS B 527 19.71 -8.06 36.36
N LEU B 528 19.88 -9.35 36.11
CA LEU B 528 19.14 -10.41 36.78
C LEU B 528 20.15 -11.07 37.72
N SER B 529 20.20 -10.56 38.96
CA SER B 529 21.07 -11.00 40.07
C SER B 529 20.70 -10.27 41.36
N GLY B 530 20.54 -8.94 41.25
CA GLY B 530 20.20 -8.08 42.37
C GLY B 530 21.32 -7.12 42.74
N THR B 531 22.56 -7.42 42.30
CA THR B 531 23.71 -6.60 42.58
C THR B 531 23.83 -5.40 41.60
N TRP B 532 22.86 -4.46 41.65
CA TRP B 532 22.85 -3.32 40.74
C TRP B 532 23.06 -2.01 41.48
N THR B 533 24.14 -1.29 41.11
CA THR B 533 24.48 0.00 41.69
C THR B 533 24.90 0.96 40.62
N GLN B 534 24.80 2.25 40.99
CA GLN B 534 25.25 3.39 40.22
C GLN B 534 26.07 4.23 41.20
N GLN B 535 26.35 3.66 42.40
CA GLN B 535 27.03 4.32 43.51
C GLN B 535 28.27 3.60 44.09
N ILE B 536 28.34 2.25 44.00
CA ILE B 536 29.43 1.47 44.60
C ILE B 536 30.23 0.61 43.62
N CYS B 537 31.57 0.59 43.82
CA CYS B 537 32.51 -0.25 43.08
C CYS B 537 33.34 -1.03 44.07
N LEU B 538 32.91 -2.28 44.36
CA LEU B 538 33.58 -3.18 45.30
C LEU B 538 35.05 -3.51 44.91
N PRO B 539 35.86 -4.10 45.83
CA PRO B 539 37.27 -4.37 45.48
C PRO B 539 37.42 -5.46 44.42
N ALA B 540 38.55 -5.43 43.64
CA ALA B 540 38.83 -6.45 42.64
C ALA B 540 40.32 -6.76 42.52
N ILE C 1 -20.42 -14.01 -11.00
CA ILE C 1 -20.87 -15.08 -10.12
C ILE C 1 -20.10 -16.38 -10.36
N ILE C 2 -19.16 -16.73 -9.47
CA ILE C 2 -18.45 -18.01 -9.58
C ILE C 2 -19.39 -19.13 -8.99
N GLY C 3 -19.56 -20.23 -9.71
CA GLY C 3 -20.35 -21.36 -9.26
C GLY C 3 -21.84 -21.18 -9.23
N GLY C 4 -22.35 -20.26 -10.05
CA GLY C 4 -23.78 -20.02 -10.12
C GLY C 4 -24.41 -20.73 -11.30
N CYS C 5 -25.74 -20.68 -11.36
CA CYS C 5 -26.53 -21.26 -12.44
C CYS C 5 -27.04 -20.07 -13.29
N PRO C 6 -27.56 -20.28 -14.53
CA PRO C 6 -28.08 -19.13 -15.29
C PRO C 6 -29.42 -18.63 -14.70
N TYR C 7 -29.69 -17.35 -14.85
CA TYR C 7 -30.88 -16.68 -14.31
C TYR C 7 -32.19 -17.50 -14.37
N TRP C 8 -32.47 -18.16 -15.51
CA TRP C 8 -33.69 -18.96 -15.79
C TRP C 8 -33.82 -20.32 -15.02
N MET C 9 -32.77 -20.73 -14.29
CA MET C 9 -32.75 -21.96 -13.51
C MET C 9 -33.37 -21.73 -12.14
N ASP C 10 -34.21 -22.67 -11.67
CA ASP C 10 -34.87 -22.61 -10.36
C ASP C 10 -33.83 -22.89 -9.27
N ARG C 11 -34.12 -22.43 -8.02
CA ARG C 11 -33.20 -22.62 -6.90
C ARG C 11 -32.93 -24.09 -6.69
N GLU C 12 -34.02 -24.86 -6.63
CA GLU C 12 -34.00 -26.28 -6.37
C GLU C 12 -33.25 -27.15 -7.37
N GLU C 13 -32.88 -26.62 -8.54
CA GLU C 13 -32.04 -27.45 -9.40
C GLU C 13 -30.55 -27.03 -9.46
N CYS C 14 -30.02 -26.58 -8.29
CA CYS C 14 -28.62 -26.19 -8.07
C CYS C 14 -28.07 -26.74 -6.73
#